data_5G3U
#
_entry.id   5G3U
#
_cell.length_a   69.270
_cell.length_b   81.460
_cell.length_c   167.120
_cell.angle_alpha   90.00
_cell.angle_beta   90.00
_cell.angle_gamma   90.00
#
_symmetry.space_group_name_H-M   'P 21 21 21'
#
loop_
_entity.id
_entity.type
_entity.pdbx_description
1 polymer 'L-TRYPTOPHAN OXIDASE VIOA'
2 non-polymer 'DIHYDROFLAVINE-ADENINE DINUCLEOTIDE'
3 non-polymer '2-[(1H-indol-3-yl)methyl]prop-2-enoic acid'
4 non-polymer GLYCEROL
5 water water
#
_entity_poly.entity_id   1
_entity_poly.type   'polypeptide(L)'
_entity_poly.pdbx_seq_one_letter_code
;GPLGSMKQSSDICIVGAGISGLTCASHLLDSPACRGLSLRIFDMQQEAGGRIRSKMLDGKASIELGAGRYSPQLHPHFQS
AMQHYSQKSEVYPFTQLKFKSHVQQKLKRAMNELSPRLKEHGKESFLQFVSRYQGHDSAVGMIRSMGYDALFLPDISAEM
AYDIVGKHPEIQSVTDNDANQWFAAETGFAGLIQGIKAKVKAAGARFSLGYRLLSVRTDGDGYLLQLAGDDGWKLEHRTR
HLILAIPPSAMAGLNVDFPEAWSGARYGSLPLFKGFLTYGEPWWLDYKLDDQVLIVDNPLRKIYFKGDKYLFFYTDSEMA
NYWRG(CSS)VAEGEDGYLEQIRTHLASALGIVRERIPQPLAHVHKYWAHGVEFCRDSDIDHPSALSHRDSGIIACSDAY
TEHCGWMEGGLLSAREASRLLLQRIAA
;
_entity_poly.pdbx_strand_id   A,B
#
loop_
_chem_comp.id
_chem_comp.type
_chem_comp.name
_chem_comp.formula
FDA non-polymer 'DIHYDROFLAVINE-ADENINE DINUCLEOTIDE' 'C27 H35 N9 O15 P2'
GOL non-polymer GLYCEROL 'C3 H8 O3'
ITW non-polymer '2-[(1H-indol-3-yl)methyl]prop-2-enoic acid' 'C12 H11 N O2'
#
# COMPACT_ATOMS: atom_id res chain seq x y z
N GLN A 8 0.45 4.27 -24.89
CA GLN A 8 -0.36 4.09 -23.68
C GLN A 8 -1.80 4.51 -23.92
N SER A 9 -2.52 3.66 -24.65
CA SER A 9 -3.92 3.89 -24.98
C SER A 9 -4.58 2.53 -25.18
N SER A 10 -5.89 2.54 -25.40
CA SER A 10 -6.62 1.30 -25.61
C SER A 10 -7.93 1.61 -26.32
N ASP A 11 -8.58 0.56 -26.81
CA ASP A 11 -9.95 0.70 -27.31
C ASP A 11 -10.95 0.61 -26.18
N ILE A 12 -10.74 -0.31 -25.25
CA ILE A 12 -11.61 -0.52 -24.11
C ILE A 12 -10.77 -0.51 -22.85
N CYS A 13 -11.26 0.18 -21.82
CA CYS A 13 -10.57 0.25 -20.55
C CYS A 13 -11.55 -0.09 -19.43
N ILE A 14 -11.10 -0.92 -18.50
CA ILE A 14 -11.87 -1.25 -17.30
C ILE A 14 -11.05 -0.82 -16.09
N VAL A 15 -11.66 -0.03 -15.22
CA VAL A 15 -11.06 0.35 -13.96
C VAL A 15 -11.72 -0.49 -12.87
N GLY A 16 -10.92 -1.30 -12.18
CA GLY A 16 -11.42 -2.20 -11.17
C GLY A 16 -11.24 -3.65 -11.55
N ALA A 17 -10.38 -4.37 -10.82
CA ALA A 17 -10.10 -5.77 -11.07
C ALA A 17 -10.70 -6.67 -9.99
N GLY A 18 -11.84 -6.26 -9.44
CA GLY A 18 -12.63 -7.16 -8.63
C GLY A 18 -13.32 -8.18 -9.51
N ILE A 19 -14.27 -8.90 -8.90
CA ILE A 19 -14.98 -9.92 -9.67
C ILE A 19 -15.83 -9.28 -10.77
N SER A 20 -16.34 -8.07 -10.53
CA SER A 20 -17.16 -7.40 -11.53
C SER A 20 -16.34 -7.01 -12.75
N GLY A 21 -15.22 -6.32 -12.55
CA GLY A 21 -14.41 -5.88 -13.67
C GLY A 21 -13.80 -7.03 -14.46
N LEU A 22 -13.25 -8.02 -13.75
CA LEU A 22 -12.71 -9.18 -14.44
C LEU A 22 -13.76 -9.90 -15.26
N THR A 23 -14.99 -9.97 -14.73
CA THR A 23 -16.08 -10.61 -15.46
C THR A 23 -16.53 -9.75 -16.64
N CYS A 24 -16.47 -8.43 -16.50
CA CYS A 24 -16.72 -7.54 -17.64
C CYS A 24 -15.78 -7.88 -18.79
N ALA A 25 -14.46 -7.84 -18.53
CA ALA A 25 -13.49 -8.17 -19.55
C ALA A 25 -13.74 -9.55 -20.15
N SER A 26 -14.21 -10.49 -19.34
CA SER A 26 -14.49 -11.84 -19.84
C SER A 26 -15.60 -11.82 -20.87
N HIS A 27 -16.72 -11.15 -20.54
CA HIS A 27 -17.83 -11.06 -21.50
C HIS A 27 -17.41 -10.32 -22.76
N LEU A 28 -16.74 -9.18 -22.59
CA LEU A 28 -16.33 -8.37 -23.74
C LEU A 28 -15.42 -9.16 -24.67
N LEU A 29 -14.46 -9.90 -24.11
CA LEU A 29 -13.53 -10.66 -24.93
C LEU A 29 -14.16 -11.92 -25.53
N ASP A 30 -15.30 -12.37 -24.99
CA ASP A 30 -16.03 -13.46 -25.61
C ASP A 30 -16.83 -13.03 -26.82
N SER A 31 -17.05 -11.73 -26.99
CA SER A 31 -17.89 -11.25 -28.09
C SER A 31 -17.05 -11.06 -29.34
N PRO A 32 -17.52 -11.53 -30.51
CA PRO A 32 -16.77 -11.24 -31.75
C PRO A 32 -16.71 -9.77 -32.09
N ALA A 33 -17.59 -8.95 -31.49
CA ALA A 33 -17.56 -7.52 -31.76
C ALA A 33 -16.30 -6.85 -31.23
N CYS A 34 -15.56 -7.51 -30.34
CA CYS A 34 -14.35 -6.94 -29.76
C CYS A 34 -13.08 -7.49 -30.39
N ARG A 35 -13.18 -8.32 -31.43
CA ARG A 35 -12.00 -8.81 -32.10
C ARG A 35 -11.14 -7.64 -32.59
N GLY A 36 -9.84 -7.72 -32.31
CA GLY A 36 -8.91 -6.68 -32.73
C GLY A 36 -8.86 -5.46 -31.84
N LEU A 37 -9.75 -5.35 -30.85
CA LEU A 37 -9.75 -4.22 -29.94
C LEU A 37 -8.85 -4.51 -28.75
N SER A 38 -8.06 -3.53 -28.36
CA SER A 38 -7.21 -3.66 -27.18
C SER A 38 -8.03 -3.39 -25.92
N LEU A 39 -7.65 -4.05 -24.83
CA LEU A 39 -8.37 -3.94 -23.57
C LEU A 39 -7.37 -3.79 -22.44
N ARG A 40 -7.53 -2.72 -21.66
CA ARG A 40 -6.63 -2.40 -20.55
C ARG A 40 -7.43 -2.40 -19.25
N ILE A 41 -6.90 -3.08 -18.24
CA ILE A 41 -7.56 -3.20 -16.94
C ILE A 41 -6.66 -2.58 -15.89
N PHE A 42 -7.19 -1.62 -15.15
CA PHE A 42 -6.48 -0.95 -14.06
C PHE A 42 -7.06 -1.38 -12.71
N ASP A 43 -6.21 -1.32 -11.68
CA ASP A 43 -6.65 -1.46 -10.30
C ASP A 43 -5.60 -0.83 -9.41
N MET A 44 -6.04 -0.07 -8.41
CA MET A 44 -5.10 0.60 -7.52
C MET A 44 -4.34 -0.40 -6.64
N GLN A 45 -4.85 -1.62 -6.48
CA GLN A 45 -4.17 -2.64 -5.70
C GLN A 45 -3.22 -3.44 -6.59
N GLN A 46 -2.21 -4.03 -5.95
CA GLN A 46 -1.21 -4.81 -6.66
C GLN A 46 -1.71 -6.18 -7.09
N GLU A 47 -2.81 -6.65 -6.50
CA GLU A 47 -3.42 -7.91 -6.88
C GLU A 47 -4.89 -7.69 -7.16
N ALA A 48 -5.42 -8.45 -8.12
CA ALA A 48 -6.84 -8.41 -8.40
C ALA A 48 -7.62 -9.09 -7.27
N GLY A 49 -8.94 -8.88 -7.28
CA GLY A 49 -9.80 -9.52 -6.31
C GLY A 49 -10.73 -8.57 -5.59
N GLY A 50 -10.23 -7.40 -5.22
CA GLY A 50 -11.03 -6.43 -4.48
C GLY A 50 -11.45 -6.93 -3.11
N ARG A 51 -12.75 -6.97 -2.86
CA ARG A 51 -13.26 -7.47 -1.59
C ARG A 51 -13.29 -8.99 -1.51
N ILE A 52 -12.69 -9.67 -2.48
CA ILE A 52 -12.34 -11.08 -2.35
C ILE A 52 -10.86 -11.17 -2.02
N ARG A 53 -10.55 -11.67 -0.83
CA ARG A 53 -9.16 -11.76 -0.37
C ARG A 53 -8.99 -13.04 0.44
N SER A 54 -8.38 -14.05 -0.18
CA SER A 54 -8.07 -15.31 0.48
C SER A 54 -6.65 -15.26 1.03
N LYS A 55 -6.46 -15.83 2.22
CA LYS A 55 -5.15 -15.90 2.85
C LYS A 55 -4.97 -17.25 3.53
N MET A 56 -3.71 -17.65 3.69
CA MET A 56 -3.36 -18.85 4.42
C MET A 56 -2.99 -18.44 5.85
N LEU A 57 -3.80 -18.87 6.81
CA LEU A 57 -3.57 -18.52 8.21
C LEU A 57 -2.38 -19.33 8.74
N ASP A 58 -1.28 -18.64 9.02
CA ASP A 58 -0.04 -19.29 9.47
C ASP A 58 0.39 -20.37 8.48
N GLY A 59 0.05 -20.19 7.21
CA GLY A 59 0.38 -21.17 6.19
C GLY A 59 -0.23 -22.53 6.42
N LYS A 60 -1.24 -22.62 7.30
CA LYS A 60 -1.84 -23.91 7.66
C LYS A 60 -3.18 -24.13 6.99
N ALA A 61 -4.07 -23.13 7.02
CA ALA A 61 -5.42 -23.28 6.47
C ALA A 61 -5.80 -22.02 5.70
N SER A 62 -6.66 -22.21 4.69
CA SER A 62 -7.12 -21.09 3.89
C SER A 62 -8.29 -20.40 4.57
N ILE A 63 -8.26 -19.06 4.57
CA ILE A 63 -9.31 -18.24 5.17
C ILE A 63 -9.73 -17.18 4.16
N GLU A 64 -10.88 -16.57 4.44
CA GLU A 64 -11.46 -15.53 3.58
C GLU A 64 -11.58 -14.25 4.40
N LEU A 65 -10.66 -13.31 4.19
CA LEU A 65 -10.78 -12.01 4.82
C LEU A 65 -11.92 -11.19 4.22
N GLY A 66 -12.31 -11.49 2.97
CA GLY A 66 -13.46 -10.87 2.36
C GLY A 66 -14.61 -11.86 2.22
N ALA A 67 -15.22 -11.92 1.05
CA ALA A 67 -16.33 -12.84 0.80
C ALA A 67 -15.89 -14.27 1.09
N GLY A 68 -16.78 -15.03 1.74
CA GLY A 68 -16.45 -16.34 2.23
C GLY A 68 -17.42 -17.47 1.90
N ARG A 69 -18.67 -17.14 1.60
CA ARG A 69 -19.68 -18.17 1.40
C ARG A 69 -20.62 -17.76 0.26
N TYR A 70 -21.29 -18.74 -0.31
CA TYR A 70 -22.30 -18.50 -1.34
C TYR A 70 -23.32 -19.62 -1.32
N SER A 71 -24.45 -19.37 -1.97
CA SER A 71 -25.56 -20.32 -2.01
C SER A 71 -25.99 -20.53 -3.46
N PRO A 72 -26.04 -21.77 -3.93
CA PRO A 72 -26.50 -21.99 -5.32
C PRO A 72 -27.95 -21.59 -5.54
N GLN A 73 -28.79 -21.67 -4.50
CA GLN A 73 -30.18 -21.28 -4.64
C GLN A 73 -30.31 -19.77 -4.84
N LEU A 74 -29.51 -18.99 -4.11
CA LEU A 74 -29.55 -17.54 -4.25
C LEU A 74 -28.63 -17.03 -5.35
N HIS A 75 -27.51 -17.71 -5.60
CA HIS A 75 -26.44 -17.17 -6.44
C HIS A 75 -26.12 -18.16 -7.55
N PRO A 76 -27.06 -18.37 -8.49
CA PRO A 76 -26.80 -19.33 -9.56
C PRO A 76 -25.68 -18.92 -10.50
N HIS A 77 -25.52 -17.61 -10.76
CA HIS A 77 -24.44 -17.17 -11.65
C HIS A 77 -23.08 -17.42 -11.03
N PHE A 78 -22.95 -17.25 -9.71
CA PHE A 78 -21.68 -17.54 -9.05
C PHE A 78 -21.40 -19.04 -9.07
N GLN A 79 -22.39 -19.86 -8.73
CA GLN A 79 -22.24 -21.29 -8.84
C GLN A 79 -21.76 -21.69 -10.23
N SER A 80 -22.38 -21.11 -11.26
CA SER A 80 -21.99 -21.41 -12.64
C SER A 80 -20.57 -20.97 -12.94
N ALA A 81 -20.11 -19.88 -12.31
CA ALA A 81 -18.74 -19.41 -12.54
C ALA A 81 -17.72 -20.31 -11.85
N MET A 82 -18.03 -20.76 -10.63
CA MET A 82 -17.17 -21.73 -9.97
C MET A 82 -16.97 -22.97 -10.84
N GLN A 83 -18.06 -23.48 -11.41
CA GLN A 83 -17.95 -24.64 -12.30
C GLN A 83 -17.17 -24.28 -13.56
N HIS A 84 -17.47 -23.12 -14.16
CA HIS A 84 -16.82 -22.75 -15.42
C HIS A 84 -15.31 -22.78 -15.30
N TYR A 85 -14.78 -22.40 -14.13
CA TYR A 85 -13.35 -22.34 -13.91
C TYR A 85 -12.85 -23.51 -13.04
N SER A 86 -13.66 -24.55 -12.89
CA SER A 86 -13.23 -25.79 -12.25
C SER A 86 -12.76 -25.54 -10.81
N GLN A 87 -13.48 -24.68 -10.09
CA GLN A 87 -13.16 -24.41 -8.69
C GLN A 87 -14.00 -25.32 -7.81
N LYS A 88 -13.34 -26.07 -6.93
CA LYS A 88 -14.03 -27.00 -6.06
C LYS A 88 -14.65 -26.28 -4.87
N SER A 89 -15.89 -26.64 -4.55
CA SER A 89 -16.63 -26.05 -3.44
C SER A 89 -16.76 -27.07 -2.31
N GLU A 90 -16.95 -26.55 -1.10
CA GLU A 90 -17.14 -27.37 0.08
C GLU A 90 -18.32 -26.84 0.87
N VAL A 91 -18.85 -27.69 1.75
CA VAL A 91 -20.00 -27.31 2.55
C VAL A 91 -19.64 -26.20 3.52
N TYR A 92 -20.51 -25.19 3.61
CA TYR A 92 -20.34 -24.11 4.58
C TYR A 92 -21.21 -24.43 5.79
N PRO A 93 -20.63 -24.72 6.96
CA PRO A 93 -21.44 -25.31 8.05
C PRO A 93 -22.25 -24.32 8.87
N PHE A 94 -21.98 -23.02 8.78
CA PHE A 94 -22.58 -22.05 9.70
C PHE A 94 -23.93 -21.58 9.16
N THR A 95 -24.89 -22.51 9.17
CA THR A 95 -26.24 -22.25 8.72
C THR A 95 -27.31 -22.57 9.75
N GLN A 96 -26.93 -23.12 10.90
CA GLN A 96 -27.89 -23.66 11.86
C GLN A 96 -28.10 -22.70 13.02
N LEU A 97 -29.30 -22.74 13.58
CA LEU A 97 -29.69 -21.92 14.72
C LEU A 97 -30.77 -22.67 15.49
N LYS A 98 -30.44 -23.89 15.93
CA LYS A 98 -31.41 -24.72 16.66
C LYS A 98 -31.60 -24.24 18.10
N PHE A 99 -30.55 -23.74 18.73
CA PHE A 99 -30.62 -23.28 20.10
C PHE A 99 -31.22 -21.89 20.19
N LYS A 100 -32.38 -21.70 19.57
CA LYS A 100 -32.98 -20.37 19.52
C LYS A 100 -33.32 -19.87 20.91
N SER A 101 -32.88 -18.66 21.23
CA SER A 101 -33.24 -18.01 22.48
C SER A 101 -34.68 -17.52 22.41
N HIS A 102 -35.17 -16.99 23.53
CA HIS A 102 -36.51 -16.43 23.56
C HIS A 102 -36.64 -15.26 22.58
N VAL A 103 -35.67 -14.35 22.60
CA VAL A 103 -35.75 -13.17 21.73
C VAL A 103 -35.62 -13.56 20.27
N GLN A 104 -34.86 -14.62 19.96
CA GLN A 104 -34.72 -15.04 18.57
C GLN A 104 -36.02 -15.64 18.05
N GLN A 105 -36.67 -16.49 18.84
CA GLN A 105 -37.97 -17.01 18.46
C GLN A 105 -39.00 -15.89 18.36
N LYS A 106 -38.89 -14.89 19.25
CA LYS A 106 -39.83 -13.78 19.22
C LYS A 106 -39.72 -12.99 17.92
N LEU A 107 -38.49 -12.78 17.44
CA LEU A 107 -38.32 -12.03 16.21
C LEU A 107 -38.86 -12.80 15.01
N LYS A 108 -38.60 -14.11 14.96
CA LYS A 108 -39.16 -14.94 13.90
C LYS A 108 -40.68 -14.79 13.86
N ARG A 109 -41.33 -14.80 15.03
CA ARG A 109 -42.77 -14.64 15.08
C ARG A 109 -43.19 -13.22 14.73
N ALA A 110 -42.45 -12.23 15.23
CA ALA A 110 -42.79 -10.84 14.95
C ALA A 110 -42.67 -10.52 13.46
N MET A 111 -41.59 -10.99 12.83
CA MET A 111 -41.40 -10.70 11.40
C MET A 111 -42.48 -11.39 10.57
N ASN A 112 -42.87 -12.60 10.94
CA ASN A 112 -43.97 -13.28 10.25
C ASN A 112 -45.29 -12.56 10.51
N GLU A 113 -45.52 -12.13 11.75
CA GLU A 113 -46.77 -11.46 12.09
C GLU A 113 -46.86 -10.07 11.45
N LEU A 114 -45.73 -9.39 11.31
CA LEU A 114 -45.70 -8.03 10.78
C LEU A 114 -45.61 -7.97 9.26
N SER A 115 -45.27 -9.07 8.60
CA SER A 115 -45.04 -9.04 7.15
C SER A 115 -46.19 -8.41 6.36
N PRO A 116 -47.47 -8.66 6.66
CA PRO A 116 -48.52 -7.99 5.90
C PRO A 116 -48.48 -6.47 5.97
N ARG A 117 -47.77 -5.91 6.94
CA ARG A 117 -47.66 -4.46 7.08
C ARG A 117 -46.48 -3.88 6.31
N LEU A 118 -45.74 -4.70 5.54
CA LEU A 118 -44.61 -4.19 4.80
C LEU A 118 -45.04 -3.28 3.65
N LYS A 119 -46.20 -3.56 3.03
CA LYS A 119 -46.66 -2.74 1.92
C LYS A 119 -46.78 -1.28 2.33
N GLU A 120 -47.25 -1.02 3.55
CA GLU A 120 -47.48 0.34 4.00
C GLU A 120 -46.26 0.95 4.68
N HIS A 121 -45.63 0.20 5.59
CA HIS A 121 -44.54 0.72 6.41
C HIS A 121 -43.18 0.12 6.05
N GLY A 122 -43.09 -0.60 4.94
CA GLY A 122 -41.84 -1.27 4.60
C GLY A 122 -40.66 -0.35 4.41
N LYS A 123 -40.91 0.94 4.19
CA LYS A 123 -39.83 1.88 3.91
C LYS A 123 -39.19 2.48 5.16
N GLU A 124 -39.87 2.43 6.31
CA GLU A 124 -39.28 2.95 7.53
C GLU A 124 -38.18 2.02 8.01
N SER A 125 -37.38 2.52 8.96
CA SER A 125 -36.27 1.74 9.49
C SER A 125 -36.78 0.43 10.09
N PHE A 126 -35.98 -0.62 9.95
CA PHE A 126 -36.34 -1.93 10.50
C PHE A 126 -36.60 -1.83 12.00
N LEU A 127 -35.82 -1.02 12.71
CA LEU A 127 -36.01 -0.86 14.14
C LEU A 127 -37.41 -0.33 14.46
N GLN A 128 -37.83 0.73 13.75
CA GLN A 128 -39.16 1.27 13.98
C GLN A 128 -40.24 0.28 13.56
N PHE A 129 -39.99 -0.49 12.49
CA PHE A 129 -40.95 -1.47 12.03
C PHE A 129 -41.18 -2.54 13.08
N VAL A 130 -40.09 -3.13 13.60
CA VAL A 130 -40.21 -4.17 14.62
C VAL A 130 -40.79 -3.59 15.90
N SER A 131 -40.57 -2.29 16.16
CA SER A 131 -41.11 -1.69 17.37
C SER A 131 -42.63 -1.75 17.41
N ARG A 132 -43.29 -1.92 16.27
CA ARG A 132 -44.74 -2.02 16.23
C ARG A 132 -45.24 -3.31 16.86
N TYR A 133 -44.37 -4.29 17.11
CA TYR A 133 -44.81 -5.55 17.66
C TYR A 133 -45.09 -5.45 19.17
N GLN A 134 -44.06 -5.08 19.95
CA GLN A 134 -44.21 -5.01 21.40
C GLN A 134 -43.45 -3.84 22.02
N GLY A 135 -43.10 -2.83 21.23
CA GLY A 135 -42.43 -1.65 21.75
C GLY A 135 -40.96 -1.61 21.35
N HIS A 136 -40.34 -0.49 21.70
CA HIS A 136 -38.96 -0.25 21.30
C HIS A 136 -38.00 -1.22 21.98
N ASP A 137 -38.05 -1.28 23.32
CA ASP A 137 -37.14 -2.13 24.06
C ASP A 137 -37.18 -3.57 23.55
N SER A 138 -38.38 -4.11 23.38
CA SER A 138 -38.52 -5.47 22.87
C SER A 138 -37.88 -5.60 21.49
N ALA A 139 -38.03 -4.58 20.66
CA ALA A 139 -37.44 -4.62 19.32
C ALA A 139 -35.92 -4.65 19.38
N VAL A 140 -35.32 -3.86 20.28
CA VAL A 140 -33.86 -3.84 20.40
C VAL A 140 -33.34 -5.23 20.74
N GLY A 141 -33.93 -5.86 21.75
CA GLY A 141 -33.45 -7.18 22.17
C GLY A 141 -33.63 -8.22 21.08
N MET A 142 -34.74 -8.15 20.35
CA MET A 142 -34.96 -9.08 19.24
C MET A 142 -33.93 -8.89 18.14
N ILE A 143 -33.76 -7.66 17.67
CA ILE A 143 -32.85 -7.40 16.55
C ILE A 143 -31.41 -7.74 16.93
N ARG A 144 -31.03 -7.46 18.18
CA ARG A 144 -29.66 -7.72 18.61
C ARG A 144 -29.29 -9.18 18.43
N SER A 145 -30.26 -10.08 18.63
CA SER A 145 -29.99 -11.52 18.59
C SER A 145 -29.68 -12.04 17.19
N MET A 146 -29.71 -11.18 16.16
CA MET A 146 -29.36 -11.60 14.82
C MET A 146 -27.86 -11.48 14.53
N GLY A 147 -27.13 -10.69 15.29
CA GLY A 147 -25.69 -10.58 15.13
C GLY A 147 -25.22 -9.58 14.09
N TYR A 148 -26.14 -8.94 13.37
CA TYR A 148 -25.81 -7.94 12.36
C TYR A 148 -26.28 -6.58 12.86
N ASP A 149 -25.33 -5.70 13.21
CA ASP A 149 -25.68 -4.41 13.78
C ASP A 149 -26.27 -3.46 12.75
N ALA A 150 -26.11 -3.75 11.46
CA ALA A 150 -26.72 -2.91 10.43
C ALA A 150 -28.23 -2.86 10.58
N LEU A 151 -28.83 -3.89 11.17
CA LEU A 151 -30.28 -3.94 11.30
C LEU A 151 -30.82 -2.84 12.20
N PHE A 152 -29.97 -2.19 13.01
CA PHE A 152 -30.39 -1.08 13.84
C PHE A 152 -30.37 0.26 13.13
N LEU A 153 -29.68 0.36 11.99
CA LEU A 153 -29.41 1.66 11.40
C LEU A 153 -30.68 2.25 10.78
N PRO A 154 -30.86 3.57 10.86
CA PRO A 154 -32.07 4.18 10.28
C PRO A 154 -32.13 4.12 8.77
N ASP A 155 -31.00 3.96 8.09
CA ASP A 155 -30.98 3.84 6.63
C ASP A 155 -31.26 2.43 6.15
N ILE A 156 -31.43 1.46 7.05
CA ILE A 156 -31.79 0.10 6.70
C ILE A 156 -33.29 -0.03 6.94
N SER A 157 -34.06 -0.02 5.86
CA SER A 157 -35.50 -0.09 5.98
C SER A 157 -35.95 -1.50 6.37
N ALA A 158 -37.25 -1.62 6.66
CA ALA A 158 -37.80 -2.93 6.99
C ALA A 158 -37.66 -3.91 5.83
N GLU A 159 -37.98 -3.46 4.61
CA GLU A 159 -37.83 -4.33 3.45
C GLU A 159 -36.40 -4.82 3.30
N MET A 160 -35.43 -3.92 3.41
CA MET A 160 -34.04 -4.31 3.29
C MET A 160 -33.66 -5.33 4.36
N ALA A 161 -34.20 -5.17 5.57
CA ALA A 161 -33.82 -6.05 6.67
C ALA A 161 -34.36 -7.46 6.45
N TYR A 162 -35.61 -7.58 6.01
CA TYR A 162 -36.12 -8.91 5.62
C TYR A 162 -35.20 -9.56 4.60
N ASP A 163 -34.65 -8.76 3.70
CA ASP A 163 -33.69 -9.28 2.73
C ASP A 163 -32.40 -9.72 3.40
N ILE A 164 -31.90 -8.90 4.33
CA ILE A 164 -30.65 -9.24 5.04
C ILE A 164 -30.84 -10.53 5.84
N VAL A 165 -31.91 -10.60 6.63
CA VAL A 165 -32.14 -11.78 7.46
C VAL A 165 -32.29 -13.03 6.60
N GLY A 166 -33.14 -12.97 5.58
CA GLY A 166 -33.44 -14.13 4.77
C GLY A 166 -32.29 -14.61 3.92
N LYS A 167 -31.26 -13.79 3.72
CA LYS A 167 -30.16 -14.11 2.82
C LYS A 167 -28.87 -14.46 3.53
N HIS A 168 -28.81 -14.35 4.86
CA HIS A 168 -27.56 -14.65 5.55
C HIS A 168 -27.64 -16.01 6.23
N PRO A 169 -26.66 -16.90 6.02
CA PRO A 169 -26.85 -18.30 6.43
C PRO A 169 -27.11 -18.49 7.92
N GLU A 170 -26.53 -17.66 8.78
CA GLU A 170 -26.67 -17.88 10.21
C GLU A 170 -28.10 -17.67 10.68
N ILE A 171 -28.86 -16.82 10.00
CA ILE A 171 -30.16 -16.37 10.49
C ILE A 171 -31.25 -16.57 9.45
N GLN A 172 -30.96 -17.34 8.40
CA GLN A 172 -31.94 -17.52 7.33
C GLN A 172 -33.17 -18.29 7.79
N SER A 173 -33.06 -19.10 8.84
CA SER A 173 -34.22 -19.81 9.36
C SER A 173 -35.23 -18.88 10.01
N VAL A 174 -34.85 -17.64 10.30
CA VAL A 174 -35.78 -16.71 10.94
C VAL A 174 -36.90 -16.32 9.98
N THR A 175 -36.64 -16.37 8.67
CA THR A 175 -37.68 -16.16 7.66
C THR A 175 -37.95 -17.43 6.86
N ASP A 176 -37.66 -18.60 7.43
CA ASP A 176 -38.05 -19.89 6.86
C ASP A 176 -37.32 -20.17 5.55
N ASN A 177 -36.07 -19.71 5.42
CA ASN A 177 -35.25 -20.02 4.26
C ASN A 177 -34.24 -21.12 4.55
N ASP A 178 -34.61 -22.08 5.41
CA ASP A 178 -33.70 -23.17 5.75
C ASP A 178 -33.25 -23.94 4.52
N ALA A 179 -34.07 -23.95 3.46
CA ALA A 179 -33.80 -24.81 2.32
C ALA A 179 -32.53 -24.43 1.57
N ASN A 180 -32.09 -23.18 1.65
CA ASN A 180 -30.95 -22.74 0.88
C ASN A 180 -29.65 -23.35 1.41
N GLN A 181 -28.88 -23.96 0.52
CA GLN A 181 -27.57 -24.52 0.85
C GLN A 181 -26.50 -23.45 0.74
N TRP A 182 -25.41 -23.66 1.48
CA TRP A 182 -24.30 -22.74 1.49
C TRP A 182 -22.98 -23.48 1.32
N PHE A 183 -22.09 -22.91 0.51
CA PHE A 183 -20.80 -23.51 0.23
C PHE A 183 -19.72 -22.45 0.26
N ALA A 184 -18.49 -22.91 0.41
CA ALA A 184 -17.30 -22.06 0.37
C ALA A 184 -16.29 -22.70 -0.58
N ALA A 185 -15.28 -21.92 -0.95
CA ALA A 185 -14.24 -22.40 -1.84
C ALA A 185 -13.26 -23.27 -1.06
N GLU A 186 -12.97 -24.45 -1.60
CA GLU A 186 -12.03 -25.35 -0.93
C GLU A 186 -10.65 -24.70 -0.78
N THR A 187 -10.25 -23.91 -1.77
CA THR A 187 -8.94 -23.26 -1.78
C THR A 187 -9.05 -21.74 -1.66
N GLY A 188 -10.24 -21.21 -1.48
CA GLY A 188 -10.44 -19.78 -1.40
C GLY A 188 -10.93 -19.20 -2.71
N PHE A 189 -11.84 -18.22 -2.64
CA PHE A 189 -12.37 -17.58 -3.83
C PHE A 189 -11.29 -16.89 -4.66
N ALA A 190 -10.10 -16.66 -4.08
CA ALA A 190 -9.00 -16.12 -4.88
C ALA A 190 -8.68 -17.01 -6.07
N GLY A 191 -8.95 -18.31 -5.96
CA GLY A 191 -8.74 -19.20 -7.08
C GLY A 191 -9.66 -18.89 -8.24
N LEU A 192 -10.88 -18.42 -7.96
CA LEU A 192 -11.78 -18.01 -9.02
C LEU A 192 -11.30 -16.71 -9.66
N ILE A 193 -10.85 -15.76 -8.85
CA ILE A 193 -10.29 -14.51 -9.38
C ILE A 193 -9.16 -14.81 -10.34
N GLN A 194 -8.24 -15.67 -9.94
CA GLN A 194 -7.08 -15.97 -10.79
C GLN A 194 -7.51 -16.70 -12.05
N GLY A 195 -8.51 -17.58 -11.95
CA GLY A 195 -9.03 -18.24 -13.13
C GLY A 195 -9.58 -17.26 -14.15
N ILE A 196 -10.31 -16.24 -13.68
CA ILE A 196 -10.85 -15.23 -14.59
C ILE A 196 -9.71 -14.36 -15.12
N LYS A 197 -8.78 -13.96 -14.25
CA LYS A 197 -7.66 -13.14 -14.70
C LYS A 197 -6.86 -13.87 -15.77
N ALA A 198 -6.52 -15.14 -15.53
CA ALA A 198 -5.79 -15.92 -16.52
C ALA A 198 -6.57 -16.03 -17.82
N LYS A 199 -7.90 -16.06 -17.73
CA LYS A 199 -8.73 -16.21 -18.93
C LYS A 199 -8.68 -14.95 -19.79
N VAL A 200 -8.88 -13.78 -19.18
CA VAL A 200 -8.87 -12.54 -19.95
C VAL A 200 -7.47 -12.20 -20.41
N LYS A 201 -6.45 -12.54 -19.60
CA LYS A 201 -5.07 -12.30 -20.00
C LYS A 201 -4.70 -13.11 -21.23
N ALA A 202 -5.09 -14.40 -21.25
CA ALA A 202 -4.82 -15.24 -22.42
C ALA A 202 -5.56 -14.75 -23.65
N ALA A 203 -6.63 -13.98 -23.48
CA ALA A 203 -7.39 -13.44 -24.60
C ALA A 203 -6.89 -12.07 -25.07
N GLY A 204 -5.77 -11.59 -24.52
CA GLY A 204 -5.16 -10.36 -24.96
C GLY A 204 -5.26 -9.20 -24.00
N ALA A 205 -6.02 -9.32 -22.91
CA ALA A 205 -6.16 -8.22 -21.98
C ALA A 205 -4.85 -7.95 -21.26
N ARG A 206 -4.49 -6.68 -21.16
CA ARG A 206 -3.29 -6.24 -20.46
C ARG A 206 -3.68 -5.65 -19.11
N PHE A 207 -2.95 -6.01 -18.08
CA PHE A 207 -3.21 -5.57 -16.72
C PHE A 207 -2.17 -4.56 -16.27
N SER A 208 -2.63 -3.47 -15.65
CA SER A 208 -1.76 -2.48 -15.01
C SER A 208 -2.24 -2.36 -13.57
N LEU A 209 -1.69 -3.20 -12.70
CA LEU A 209 -2.07 -3.22 -11.29
C LEU A 209 -1.20 -2.25 -10.50
N GLY A 210 -1.79 -1.66 -9.47
CA GLY A 210 -1.11 -0.67 -8.66
C GLY A 210 -1.28 0.75 -9.13
N TYR A 211 -2.35 1.05 -9.86
CA TYR A 211 -2.61 2.39 -10.39
C TYR A 211 -4.01 2.82 -10.01
N ARG A 212 -4.13 3.97 -9.36
CA ARG A 212 -5.40 4.51 -8.91
C ARG A 212 -5.87 5.59 -9.89
N LEU A 213 -7.09 5.42 -10.39
CA LEU A 213 -7.69 6.46 -11.22
C LEU A 213 -8.01 7.69 -10.37
N LEU A 214 -7.53 8.84 -10.81
CA LEU A 214 -7.75 10.10 -10.10
C LEU A 214 -8.86 10.94 -10.71
N SER A 215 -8.91 11.03 -12.03
CA SER A 215 -9.91 11.83 -12.72
C SER A 215 -10.07 11.29 -14.13
N VAL A 216 -11.14 11.72 -14.78
CA VAL A 216 -11.40 11.36 -16.17
C VAL A 216 -12.15 12.50 -16.83
N ARG A 217 -11.83 12.74 -18.10
CA ARG A 217 -12.52 13.75 -18.89
C ARG A 217 -12.79 13.17 -20.27
N THR A 218 -13.83 13.69 -20.92
CA THR A 218 -14.08 13.35 -22.30
C THR A 218 -12.97 13.92 -23.19
N ASP A 219 -12.56 13.14 -24.18
CA ASP A 219 -11.51 13.55 -25.13
C ASP A 219 -11.99 13.16 -26.52
N GLY A 220 -12.72 14.06 -27.16
CA GLY A 220 -13.30 13.75 -28.46
C GLY A 220 -14.30 12.62 -28.32
N ASP A 221 -14.09 11.54 -29.08
CA ASP A 221 -14.96 10.38 -29.02
C ASP A 221 -14.54 9.39 -27.94
N GLY A 222 -13.45 9.66 -27.22
CA GLY A 222 -12.98 8.77 -26.18
C GLY A 222 -12.84 9.47 -24.84
N TYR A 223 -11.92 9.00 -24.01
CA TYR A 223 -11.74 9.54 -22.67
C TYR A 223 -10.26 9.60 -22.33
N LEU A 224 -9.91 10.55 -21.47
CA LEU A 224 -8.54 10.72 -21.00
C LEU A 224 -8.52 10.48 -19.50
N LEU A 225 -7.76 9.48 -19.07
CA LEU A 225 -7.68 9.09 -17.67
C LEU A 225 -6.37 9.56 -17.05
N GLN A 226 -6.45 10.06 -15.82
CA GLN A 226 -5.28 10.43 -15.04
C GLN A 226 -5.15 9.44 -13.90
N LEU A 227 -4.05 8.69 -13.89
CA LEU A 227 -3.81 7.68 -12.88
C LEU A 227 -2.49 7.96 -12.16
N ALA A 228 -2.39 7.44 -10.94
CA ALA A 228 -1.17 7.54 -10.15
C ALA A 228 -0.80 6.18 -9.61
N GLY A 229 0.42 5.74 -9.87
CA GLY A 229 0.91 4.51 -9.29
C GLY A 229 1.06 4.63 -7.78
N ASP A 230 1.05 3.48 -7.13
CA ASP A 230 1.17 3.46 -5.68
C ASP A 230 2.50 4.03 -5.21
N ASP A 231 3.49 4.12 -6.09
CA ASP A 231 4.76 4.75 -5.78
C ASP A 231 4.84 6.19 -6.28
N GLY A 232 3.72 6.76 -6.74
CA GLY A 232 3.65 8.15 -7.14
C GLY A 232 3.78 8.39 -8.63
N TRP A 233 4.12 7.37 -9.43
CA TRP A 233 4.31 7.57 -10.86
C TRP A 233 3.01 8.04 -11.51
N LYS A 234 3.02 9.24 -12.08
CA LYS A 234 1.85 9.79 -12.74
C LYS A 234 1.73 9.23 -14.16
N LEU A 235 0.49 8.98 -14.58
CA LEU A 235 0.23 8.24 -15.80
C LEU A 235 -1.06 8.74 -16.43
N GLU A 236 -1.02 8.93 -17.74
CA GLU A 236 -2.19 9.33 -18.51
C GLU A 236 -2.52 8.22 -19.50
N HIS A 237 -3.81 7.89 -19.61
CA HIS A 237 -4.26 6.82 -20.48
C HIS A 237 -5.45 7.29 -21.29
N ARG A 238 -5.41 7.04 -22.60
CA ARG A 238 -6.47 7.42 -23.52
C ARG A 238 -7.21 6.15 -23.94
N THR A 239 -8.53 6.17 -23.86
CA THR A 239 -9.34 5.02 -24.24
C THR A 239 -10.57 5.50 -25.01
N ARG A 240 -11.17 4.55 -25.74
CA ARG A 240 -12.37 4.81 -26.52
C ARG A 240 -13.64 4.42 -25.78
N HIS A 241 -13.58 3.42 -24.90
CA HIS A 241 -14.73 2.99 -24.11
C HIS A 241 -14.25 2.70 -22.69
N LEU A 242 -15.04 3.11 -21.70
CA LEU A 242 -14.63 3.06 -20.30
C LEU A 242 -15.72 2.45 -19.44
N ILE A 243 -15.37 1.38 -18.71
CA ILE A 243 -16.22 0.81 -17.68
C ILE A 243 -15.54 1.04 -16.34
N LEU A 244 -16.27 1.62 -15.39
CA LEU A 244 -15.79 1.81 -14.02
C LEU A 244 -16.37 0.69 -13.17
N ALA A 245 -15.61 -0.39 -13.03
CA ALA A 245 -16.03 -1.52 -12.21
C ALA A 245 -15.60 -1.32 -10.76
N ILE A 246 -16.09 -0.22 -10.19
CA ILE A 246 -15.77 0.17 -8.82
C ILE A 246 -17.09 0.48 -8.11
N PRO A 247 -17.10 0.38 -6.78
CA PRO A 247 -18.35 0.56 -6.03
C PRO A 247 -18.71 2.03 -5.90
N PRO A 248 -19.92 2.33 -5.42
CA PRO A 248 -20.33 3.74 -5.28
C PRO A 248 -19.40 4.58 -4.44
N SER A 249 -18.86 4.04 -3.34
CA SER A 249 -17.97 4.83 -2.49
C SER A 249 -16.77 5.35 -3.28
N ALA A 250 -16.27 4.56 -4.23
CA ALA A 250 -15.16 5.01 -5.06
C ALA A 250 -15.62 5.96 -6.16
N MET A 251 -16.83 5.76 -6.70
CA MET A 251 -17.36 6.68 -7.69
C MET A 251 -17.45 8.09 -7.15
N ALA A 252 -17.85 8.25 -5.89
CA ALA A 252 -18.05 9.57 -5.32
C ALA A 252 -16.76 10.37 -5.24
N GLY A 253 -15.60 9.73 -5.33
CA GLY A 253 -14.34 10.42 -5.25
C GLY A 253 -13.74 10.83 -6.59
N LEU A 254 -14.38 10.51 -7.71
CA LEU A 254 -13.83 10.77 -9.03
C LEU A 254 -14.34 12.05 -9.66
N ASN A 255 -15.16 12.84 -8.95
CA ASN A 255 -15.66 14.11 -9.46
C ASN A 255 -16.36 13.94 -10.81
N VAL A 256 -17.21 12.91 -10.88
CA VAL A 256 -18.01 12.65 -12.07
C VAL A 256 -19.50 12.81 -11.77
N ASP A 257 -19.85 13.57 -10.73
CA ASP A 257 -21.23 13.85 -10.38
C ASP A 257 -22.02 12.58 -10.06
N PHE A 258 -21.35 11.60 -9.45
CA PHE A 258 -22.04 10.41 -8.99
C PHE A 258 -22.66 10.70 -7.62
N PRO A 259 -23.90 10.25 -7.38
CA PRO A 259 -24.79 9.46 -8.24
C PRO A 259 -25.73 10.27 -9.12
N GLU A 260 -25.76 11.60 -8.92
CA GLU A 260 -26.80 12.43 -9.53
C GLU A 260 -26.86 12.22 -11.04
N ALA A 261 -25.71 12.22 -11.71
CA ALA A 261 -25.65 12.12 -13.17
C ALA A 261 -25.62 10.68 -13.67
N TRP A 262 -25.91 9.70 -12.80
CA TRP A 262 -25.84 8.29 -13.19
C TRP A 262 -27.13 7.56 -12.88
N SER A 263 -27.85 7.99 -11.84
CA SER A 263 -29.13 7.37 -11.49
C SER A 263 -29.84 8.28 -10.50
N GLY A 264 -31.11 7.98 -10.28
CA GLY A 264 -31.92 8.69 -9.30
C GLY A 264 -31.93 8.07 -7.93
N ALA A 265 -31.20 6.97 -7.73
CA ALA A 265 -31.13 6.31 -6.43
C ALA A 265 -29.96 6.86 -5.62
N ARG A 266 -30.04 6.67 -4.31
CA ARG A 266 -28.95 6.98 -3.40
C ARG A 266 -28.34 5.68 -2.91
N TYR A 267 -27.11 5.78 -2.40
CA TYR A 267 -26.35 4.60 -2.03
C TYR A 267 -25.68 4.81 -0.68
N GLY A 268 -25.61 3.74 0.11
CA GLY A 268 -24.93 3.77 1.38
C GLY A 268 -23.93 2.64 1.49
N SER A 269 -23.14 2.67 2.57
CA SER A 269 -22.13 1.66 2.78
C SER A 269 -22.00 1.37 4.26
N LEU A 270 -21.44 0.20 4.57
CA LEU A 270 -21.24 -0.23 5.95
C LEU A 270 -19.84 -0.83 6.09
N PRO A 271 -19.17 -0.58 7.21
CA PRO A 271 -17.87 -1.22 7.43
C PRO A 271 -18.03 -2.65 7.93
N LEU A 272 -17.01 -3.46 7.65
CA LEU A 272 -16.99 -4.86 8.06
C LEU A 272 -15.64 -5.17 8.69
N PHE A 273 -15.63 -6.15 9.59
CA PHE A 273 -14.42 -6.56 10.27
C PHE A 273 -14.45 -8.07 10.51
N LYS A 274 -13.35 -8.74 10.15
CA LYS A 274 -13.17 -10.15 10.41
C LYS A 274 -11.86 -10.37 11.14
N GLY A 275 -11.88 -11.23 12.15
CA GLY A 275 -10.67 -11.63 12.85
C GLY A 275 -10.56 -13.13 12.94
N PHE A 276 -9.43 -13.69 12.50
CA PHE A 276 -9.19 -15.12 12.52
C PHE A 276 -8.09 -15.43 13.52
N LEU A 277 -8.33 -16.43 14.37
CA LEU A 277 -7.36 -16.86 15.38
C LEU A 277 -7.19 -18.36 15.31
N THR A 278 -5.94 -18.81 15.37
CA THR A 278 -5.60 -20.23 15.41
C THR A 278 -4.76 -20.50 16.66
N TYR A 279 -4.89 -21.72 17.18
CA TYR A 279 -4.29 -22.08 18.45
C TYR A 279 -3.49 -23.37 18.29
N GLY A 280 -2.68 -23.67 19.31
CA GLY A 280 -1.91 -24.89 19.29
C GLY A 280 -2.79 -26.13 19.33
N GLU A 281 -3.95 -26.03 19.96
CA GLU A 281 -4.90 -27.12 20.03
C GLU A 281 -6.30 -26.57 19.83
N PRO A 282 -7.26 -27.40 19.27
CA PRO A 282 -8.66 -26.95 19.14
C PRO A 282 -9.41 -27.01 20.45
N TRP A 283 -9.06 -26.08 21.36
CA TRP A 283 -9.59 -26.12 22.71
C TRP A 283 -11.11 -26.06 22.76
N TRP A 284 -11.76 -25.54 21.72
CA TRP A 284 -13.21 -25.43 21.72
C TRP A 284 -13.91 -26.77 21.58
N LEU A 285 -13.19 -27.84 21.26
CA LEU A 285 -13.80 -29.16 21.18
C LEU A 285 -14.29 -29.65 22.54
N ASP A 286 -13.71 -29.16 23.63
CA ASP A 286 -14.20 -29.49 24.96
C ASP A 286 -15.62 -29.03 25.19
N TYR A 287 -16.17 -28.18 24.31
CA TYR A 287 -17.53 -27.67 24.45
C TYR A 287 -18.41 -28.04 23.26
N LYS A 288 -17.93 -28.90 22.36
CA LYS A 288 -18.70 -29.33 21.21
C LYS A 288 -19.15 -28.15 20.36
N LEU A 289 -18.25 -27.19 20.16
CA LEU A 289 -18.55 -25.98 19.41
C LEU A 289 -18.05 -26.05 17.96
N ASP A 290 -17.38 -27.13 17.57
CA ASP A 290 -16.86 -27.23 16.21
C ASP A 290 -17.99 -27.13 15.20
N ASP A 291 -17.73 -26.38 14.12
CA ASP A 291 -18.69 -26.14 13.05
C ASP A 291 -19.94 -25.43 13.55
N GLN A 292 -19.84 -24.70 14.67
CA GLN A 292 -20.97 -23.99 15.24
C GLN A 292 -20.69 -22.49 15.22
N VAL A 293 -21.76 -21.70 15.15
CA VAL A 293 -21.70 -20.25 15.21
C VAL A 293 -22.51 -19.79 16.42
N LEU A 294 -21.95 -18.85 17.16
CA LEU A 294 -22.60 -18.27 18.34
C LEU A 294 -22.91 -16.81 18.09
N ILE A 295 -24.17 -16.43 18.25
CA ILE A 295 -24.60 -15.04 18.14
C ILE A 295 -24.84 -14.54 19.56
N VAL A 296 -24.18 -13.44 19.93
CA VAL A 296 -24.12 -13.01 21.32
C VAL A 296 -24.24 -11.50 21.41
N ASP A 297 -24.88 -11.04 22.49
CA ASP A 297 -24.94 -9.62 22.85
C ASP A 297 -23.59 -9.24 23.46
N ASN A 298 -22.58 -9.23 22.59
CA ASN A 298 -21.18 -9.12 22.99
C ASN A 298 -20.41 -8.60 21.78
N PRO A 299 -19.35 -7.78 21.99
CA PRO A 299 -18.69 -7.13 20.85
C PRO A 299 -18.18 -8.09 19.78
N LEU A 300 -18.01 -9.37 20.13
CA LEU A 300 -17.68 -10.36 19.11
C LEU A 300 -18.87 -10.63 18.20
N ARG A 301 -20.09 -10.55 18.75
CA ARG A 301 -21.34 -10.65 18.00
C ARG A 301 -21.53 -12.04 17.38
N LYS A 302 -20.69 -12.40 16.42
CA LYS A 302 -20.80 -13.69 15.75
C LYS A 302 -19.46 -14.40 15.85
N ILE A 303 -19.45 -15.58 16.46
CA ILE A 303 -18.23 -16.33 16.74
C ILE A 303 -18.34 -17.68 16.03
N TYR A 304 -17.40 -17.96 15.13
CA TYR A 304 -17.43 -19.16 14.30
C TYR A 304 -16.26 -20.05 14.67
N PHE A 305 -16.54 -21.33 14.90
CA PHE A 305 -15.52 -22.34 15.14
C PHE A 305 -15.48 -23.28 13.94
N LYS A 306 -14.39 -23.21 13.17
CA LYS A 306 -14.26 -23.98 11.94
C LYS A 306 -13.67 -25.33 12.27
N GLY A 307 -14.52 -26.36 12.33
CA GLY A 307 -14.07 -27.71 12.64
C GLY A 307 -13.09 -27.76 13.78
N ASP A 308 -11.87 -28.23 13.50
CA ASP A 308 -10.79 -28.26 14.47
C ASP A 308 -9.59 -27.41 14.03
N LYS A 309 -9.81 -26.50 13.07
CA LYS A 309 -8.73 -25.73 12.48
C LYS A 309 -8.52 -24.38 13.14
N TYR A 310 -9.59 -23.61 13.34
CA TYR A 310 -9.45 -22.25 13.86
C TYR A 310 -10.85 -21.73 14.20
N LEU A 311 -10.88 -20.51 14.74
CA LEU A 311 -12.11 -19.78 14.94
C LEU A 311 -11.96 -18.38 14.35
N PHE A 312 -13.08 -17.67 14.23
CA PHE A 312 -13.05 -16.30 13.77
C PHE A 312 -14.36 -15.64 14.16
N PHE A 313 -14.37 -14.30 14.11
CA PHE A 313 -15.57 -13.53 14.37
C PHE A 313 -15.78 -12.52 13.24
N TYR A 314 -17.03 -12.09 13.11
CA TYR A 314 -17.47 -11.28 11.98
C TYR A 314 -18.43 -10.22 12.49
N THR A 315 -18.13 -8.96 12.23
CA THR A 315 -18.91 -7.84 12.76
C THR A 315 -19.09 -6.80 11.68
N ASP A 316 -20.05 -5.89 11.91
CA ASP A 316 -20.35 -4.84 10.95
C ASP A 316 -20.78 -3.59 11.70
N SER A 317 -20.79 -2.48 10.98
CA SER A 317 -21.31 -1.20 11.46
C SER A 317 -20.58 -0.83 12.75
N GLU A 318 -21.28 -0.45 13.82
CA GLU A 318 -20.62 0.06 15.02
C GLU A 318 -19.55 -0.90 15.54
N MET A 319 -19.83 -2.20 15.51
CA MET A 319 -18.90 -3.16 16.08
C MET A 319 -17.69 -3.40 15.18
N ALA A 320 -17.84 -3.23 13.87
CA ALA A 320 -16.67 -3.24 13.00
C ALA A 320 -15.72 -2.10 13.36
N ASN A 321 -16.26 -0.91 13.60
CA ASN A 321 -15.43 0.21 14.02
C ASN A 321 -14.87 0.00 15.42
N TYR A 322 -15.63 -0.65 16.30
CA TYR A 322 -15.13 -0.95 17.63
C TYR A 322 -13.83 -1.75 17.56
N TRP A 323 -13.83 -2.83 16.77
CA TRP A 323 -12.66 -3.68 16.70
C TRP A 323 -11.51 -3.01 15.97
N ARG A 324 -11.80 -2.15 14.99
CA ARG A 324 -10.73 -1.47 14.27
C ARG A 324 -10.05 -0.44 15.16
N GLY A 325 -10.82 0.32 15.93
CA GLY A 325 -10.26 1.28 16.85
C GLY A 325 -9.48 0.58 17.95
N CSS A 326 -9.91 -0.64 18.26
CA CSS A 326 -9.28 -1.44 19.27
CB CSS A 326 -10.14 -2.64 19.73
SG CSS A 326 -9.38 -3.76 20.85
SD CSS A 326 -9.61 -2.92 22.77
C CSS A 326 -7.93 -1.93 18.75
O CSS A 326 -6.91 -2.02 19.45
H CSS A 326 -10.68 -1.10 17.82
HA CSS A 326 -9.10 -0.77 20.16
HB2 CSS A 326 -11.02 -2.25 20.34
HB3 CSS A 326 -10.55 -3.18 18.85
HD CSS A 326 -8.85 -3.76 23.46
N VAL A 327 -7.92 -2.25 17.46
CA VAL A 327 -6.70 -2.68 16.79
C VAL A 327 -5.69 -1.53 16.74
N ALA A 328 -6.20 -0.31 16.56
CA ALA A 328 -5.31 0.85 16.45
C ALA A 328 -4.59 1.13 17.76
N GLU A 329 -5.17 0.72 18.89
CA GLU A 329 -4.55 0.92 20.19
C GLU A 329 -3.43 -0.09 20.48
N GLY A 330 -3.18 -1.03 19.57
CA GLY A 330 -2.13 -2.00 19.75
C GLY A 330 -2.62 -3.43 19.66
N GLU A 331 -1.76 -4.33 19.16
CA GLU A 331 -2.18 -5.73 18.99
C GLU A 331 -2.34 -6.43 20.33
N ASP A 332 -1.55 -6.05 21.34
CA ASP A 332 -1.64 -6.70 22.65
C ASP A 332 -3.03 -6.54 23.25
N GLY A 333 -3.47 -5.28 23.42
CA GLY A 333 -4.80 -5.06 23.95
C GLY A 333 -5.89 -5.67 23.10
N TYR A 334 -5.68 -5.72 21.78
CA TYR A 334 -6.66 -6.31 20.89
C TYR A 334 -6.87 -7.79 21.18
N LEU A 335 -5.77 -8.54 21.31
CA LEU A 335 -5.87 -9.97 21.61
C LEU A 335 -6.45 -10.21 23.00
N GLU A 336 -6.11 -9.34 23.96
CA GLU A 336 -6.64 -9.49 25.31
C GLU A 336 -8.13 -9.20 25.36
N GLN A 337 -8.59 -8.23 24.56
CA GLN A 337 -10.01 -7.94 24.50
C GLN A 337 -10.78 -9.13 23.93
N ILE A 338 -10.24 -9.76 22.88
CA ILE A 338 -10.85 -10.99 22.35
C ILE A 338 -10.93 -12.04 23.45
N ARG A 339 -9.85 -12.21 24.20
CA ARG A 339 -9.84 -13.19 25.28
C ARG A 339 -10.95 -12.91 26.28
N THR A 340 -11.08 -11.66 26.70
CA THR A 340 -12.14 -11.28 27.64
C THR A 340 -13.52 -11.59 27.07
N HIS A 341 -13.78 -11.12 25.85
CA HIS A 341 -15.09 -11.30 25.24
C HIS A 341 -15.38 -12.76 24.90
N LEU A 342 -14.35 -13.58 24.69
CA LEU A 342 -14.58 -15.01 24.51
C LEU A 342 -15.01 -15.66 25.82
N ALA A 343 -14.45 -15.20 26.94
CA ALA A 343 -14.81 -15.75 28.24
C ALA A 343 -16.24 -15.36 28.62
N SER A 344 -16.58 -14.08 28.48
CA SER A 344 -17.93 -13.63 28.81
C SER A 344 -18.95 -14.22 27.86
N ALA A 345 -18.55 -14.55 26.63
CA ALA A 345 -19.50 -15.09 25.66
C ALA A 345 -19.73 -16.59 25.87
N LEU A 346 -18.68 -17.34 26.19
CA LEU A 346 -18.79 -18.78 26.37
C LEU A 346 -19.10 -19.18 27.80
N GLY A 347 -19.05 -18.25 28.75
CA GLY A 347 -19.32 -18.58 30.14
C GLY A 347 -18.26 -19.43 30.79
N ILE A 348 -16.98 -19.11 30.54
CA ILE A 348 -15.87 -19.84 31.15
C ILE A 348 -14.88 -18.82 31.69
N VAL A 349 -14.05 -19.28 32.63
CA VAL A 349 -13.06 -18.41 33.24
C VAL A 349 -12.07 -17.93 32.18
N ARG A 350 -11.72 -16.65 32.23
CA ARG A 350 -10.86 -16.06 31.21
C ARG A 350 -9.53 -16.78 31.12
N GLU A 351 -8.98 -17.18 32.27
CA GLU A 351 -7.69 -17.88 32.28
C GLU A 351 -7.76 -19.23 31.56
N ARG A 352 -8.96 -19.80 31.42
CA ARG A 352 -9.12 -21.07 30.73
C ARG A 352 -9.19 -20.91 29.21
N ILE A 353 -9.14 -19.69 28.70
CA ILE A 353 -9.11 -19.43 27.27
C ILE A 353 -7.66 -19.18 26.88
N PRO A 354 -7.04 -20.03 26.06
CA PRO A 354 -5.61 -19.88 25.78
C PRO A 354 -5.32 -18.69 24.88
N GLN A 355 -4.04 -18.35 24.81
CA GLN A 355 -3.58 -17.31 23.91
C GLN A 355 -3.43 -17.88 22.50
N PRO A 356 -3.61 -17.06 21.47
CA PRO A 356 -3.57 -17.59 20.10
C PRO A 356 -2.15 -17.90 19.64
N LEU A 357 -2.07 -18.85 18.71
CA LEU A 357 -0.79 -19.19 18.09
C LEU A 357 -0.46 -18.24 16.94
N ALA A 358 -1.48 -17.82 16.20
CA ALA A 358 -1.33 -16.84 15.13
C ALA A 358 -2.71 -16.26 14.83
N HIS A 359 -2.73 -15.08 14.23
CA HIS A 359 -3.99 -14.42 13.97
C HIS A 359 -3.83 -13.38 12.88
N VAL A 360 -4.92 -13.11 12.18
CA VAL A 360 -4.99 -12.05 11.18
C VAL A 360 -6.37 -11.43 11.22
N HIS A 361 -6.45 -10.16 10.85
CA HIS A 361 -7.71 -9.43 10.84
C HIS A 361 -7.72 -8.49 9.65
N LYS A 362 -8.93 -8.13 9.21
CA LYS A 362 -9.09 -7.23 8.08
C LYS A 362 -10.29 -6.33 8.33
N TYR A 363 -10.11 -5.04 8.08
CA TYR A 363 -11.17 -4.05 8.21
C TYR A 363 -11.47 -3.48 6.83
N TRP A 364 -12.76 -3.45 6.47
CA TRP A 364 -13.22 -2.92 5.19
C TRP A 364 -14.09 -1.70 5.50
N ALA A 365 -13.53 -0.51 5.27
CA ALA A 365 -14.28 0.72 5.54
C ALA A 365 -15.63 0.73 4.83
N HIS A 366 -15.70 0.14 3.65
CA HIS A 366 -16.95 0.07 2.87
C HIS A 366 -17.22 -1.37 2.45
N GLY A 367 -17.18 -2.28 3.44
CA GLY A 367 -17.34 -3.69 3.14
C GLY A 367 -18.63 -4.00 2.41
N VAL A 368 -19.73 -3.34 2.81
CA VAL A 368 -21.03 -3.49 2.17
C VAL A 368 -21.41 -2.16 1.56
N GLU A 369 -21.89 -2.18 0.32
CA GLU A 369 -22.46 -1.00 -0.32
C GLU A 369 -23.81 -1.39 -0.91
N PHE A 370 -24.83 -0.60 -0.59
CA PHE A 370 -26.20 -0.98 -0.88
C PHE A 370 -26.96 0.22 -1.45
N CYS A 371 -28.01 -0.08 -2.21
CA CYS A 371 -28.91 0.95 -2.73
C CYS A 371 -30.07 1.14 -1.76
N ARG A 372 -30.49 2.38 -1.61
CA ARG A 372 -31.60 2.73 -0.72
C ARG A 372 -32.96 2.65 -1.42
N ASP A 373 -33.05 1.92 -2.53
CA ASP A 373 -34.30 1.78 -3.27
C ASP A 373 -34.42 0.38 -3.86
N HIS A 378 -31.95 0.73 -9.97
CA HIS A 378 -32.81 -0.33 -10.50
C HIS A 378 -32.13 -1.10 -11.64
N PRO A 379 -31.46 -0.40 -12.55
CA PRO A 379 -30.73 -1.12 -13.61
C PRO A 379 -29.48 -1.80 -13.05
N SER A 380 -29.18 -2.97 -13.61
CA SER A 380 -28.03 -3.73 -13.12
C SER A 380 -26.72 -3.00 -13.36
N ALA A 381 -26.66 -2.12 -14.36
CA ALA A 381 -25.50 -1.28 -14.61
C ALA A 381 -25.98 0.12 -14.98
N LEU A 382 -25.13 1.11 -14.74
CA LEU A 382 -25.48 2.50 -14.92
C LEU A 382 -24.73 3.10 -16.10
N SER A 383 -25.33 4.13 -16.70
CA SER A 383 -24.74 4.88 -17.79
C SER A 383 -24.68 6.35 -17.39
N HIS A 384 -23.51 6.96 -17.53
CA HIS A 384 -23.36 8.38 -17.24
C HIS A 384 -24.22 9.21 -18.18
N ARG A 385 -25.09 10.05 -17.60
CA ARG A 385 -25.94 10.90 -18.41
C ARG A 385 -25.13 11.81 -19.33
N ASP A 386 -23.89 12.12 -18.95
CA ASP A 386 -23.14 13.20 -19.59
C ASP A 386 -22.01 12.71 -20.50
N SER A 387 -21.61 11.44 -20.44
CA SER A 387 -20.43 11.02 -21.20
C SER A 387 -20.51 9.62 -21.78
N GLY A 388 -21.47 8.78 -21.39
CA GLY A 388 -21.52 7.43 -21.89
C GLY A 388 -20.62 6.44 -21.18
N ILE A 389 -19.90 6.85 -20.14
CA ILE A 389 -19.17 5.91 -19.31
C ILE A 389 -20.17 4.96 -18.64
N ILE A 390 -19.74 3.72 -18.43
CA ILE A 390 -20.56 2.69 -17.82
C ILE A 390 -20.02 2.41 -16.42
N ALA A 391 -20.93 2.20 -15.46
CA ALA A 391 -20.57 1.88 -14.09
C ALA A 391 -21.06 0.49 -13.75
N CYS A 392 -20.22 -0.29 -13.07
CA CYS A 392 -20.48 -1.69 -12.79
C CYS A 392 -20.19 -1.97 -11.32
N SER A 393 -21.18 -2.52 -10.61
CA SER A 393 -21.03 -2.81 -9.20
C SER A 393 -22.23 -3.63 -8.74
N ASP A 394 -22.02 -4.44 -7.70
CA ASP A 394 -23.12 -5.20 -7.11
C ASP A 394 -24.19 -4.30 -6.51
N ALA A 395 -23.83 -3.06 -6.17
CA ALA A 395 -24.77 -2.13 -5.56
C ALA A 395 -25.92 -1.74 -6.49
N TYR A 396 -25.79 -2.01 -7.79
CA TYR A 396 -26.79 -1.61 -8.76
C TYR A 396 -27.78 -2.72 -9.09
N THR A 397 -27.75 -3.83 -8.37
CA THR A 397 -28.55 -5.01 -8.70
C THR A 397 -29.46 -5.38 -7.52
N GLU A 398 -30.30 -6.37 -7.73
CA GLU A 398 -31.15 -6.91 -6.67
C GLU A 398 -30.38 -7.74 -5.66
N HIS A 399 -29.06 -7.87 -5.83
CA HIS A 399 -28.23 -8.60 -4.87
C HIS A 399 -27.18 -7.66 -4.28
N CYS A 400 -27.61 -6.50 -3.80
CA CYS A 400 -26.71 -5.56 -3.14
C CYS A 400 -25.88 -6.27 -2.09
N GLY A 401 -24.56 -6.12 -2.19
CA GLY A 401 -23.65 -6.66 -1.19
C GLY A 401 -23.23 -8.09 -1.40
N TRP A 402 -23.49 -8.68 -2.56
CA TRP A 402 -23.14 -10.07 -2.81
C TRP A 402 -22.41 -10.19 -4.15
N MET A 403 -21.54 -11.20 -4.24
CA MET A 403 -20.79 -11.43 -5.46
C MET A 403 -21.73 -11.66 -6.64
N GLU A 404 -22.85 -12.35 -6.40
CA GLU A 404 -23.84 -12.54 -7.45
C GLU A 404 -24.22 -11.22 -8.10
N GLY A 405 -24.38 -10.17 -7.29
CA GLY A 405 -24.72 -8.86 -7.84
C GLY A 405 -23.64 -8.34 -8.75
N GLY A 406 -22.38 -8.59 -8.41
CA GLY A 406 -21.29 -8.19 -9.29
C GLY A 406 -21.34 -8.89 -10.63
N LEU A 407 -21.65 -10.19 -10.62
CA LEU A 407 -21.79 -10.92 -11.88
C LEU A 407 -22.98 -10.40 -12.69
N LEU A 408 -24.11 -10.15 -12.04
CA LEU A 408 -25.27 -9.61 -12.75
C LEU A 408 -24.94 -8.25 -13.36
N SER A 409 -24.24 -7.40 -12.62
CA SER A 409 -23.90 -6.08 -13.13
C SER A 409 -22.93 -6.17 -14.29
N ALA A 410 -21.92 -7.05 -14.18
CA ALA A 410 -20.93 -7.18 -15.23
C ALA A 410 -21.57 -7.59 -16.55
N ARG A 411 -22.56 -8.49 -16.48
CA ARG A 411 -23.24 -8.91 -17.70
C ARG A 411 -23.97 -7.74 -18.35
N GLU A 412 -24.65 -6.91 -17.55
CA GLU A 412 -25.35 -5.76 -18.09
C GLU A 412 -24.38 -4.69 -18.58
N ALA A 413 -23.29 -4.49 -17.85
CA ALA A 413 -22.31 -3.47 -18.24
C ALA A 413 -21.66 -3.84 -19.58
N SER A 414 -21.34 -5.12 -19.77
CA SER A 414 -20.73 -5.54 -21.03
C SER A 414 -21.74 -5.47 -22.17
N ARG A 415 -23.00 -5.79 -21.89
CA ARG A 415 -24.04 -5.67 -22.92
C ARG A 415 -24.20 -4.22 -23.36
N LEU A 416 -24.18 -3.29 -22.39
CA LEU A 416 -24.30 -1.88 -22.74
C LEU A 416 -23.13 -1.42 -23.59
N LEU A 417 -21.91 -1.86 -23.27
CA LEU A 417 -20.73 -1.43 -24.00
C LEU A 417 -20.76 -1.97 -25.43
N LEU A 418 -21.02 -3.26 -25.60
CA LEU A 418 -21.13 -3.82 -26.93
C LEU A 418 -22.21 -3.10 -27.75
N GLN A 419 -23.25 -2.62 -27.09
CA GLN A 419 -24.25 -1.80 -27.76
C GLN A 419 -23.63 -0.47 -28.21
N ARG A 420 -22.87 0.17 -27.32
CA ARG A 420 -22.16 1.39 -27.70
C ARG A 420 -21.19 1.12 -28.84
N ILE A 421 -20.54 -0.05 -28.83
CA ILE A 421 -19.57 -0.38 -29.88
C ILE A 421 -20.28 -0.49 -31.23
N ALA A 422 -21.42 -1.18 -31.26
CA ALA A 422 -22.17 -1.35 -32.50
C ALA A 422 -22.97 -0.12 -32.89
N ALA A 423 -22.94 0.94 -32.09
CA ALA A 423 -23.70 2.15 -32.39
C ALA A 423 -23.16 2.82 -33.66
N GLN B 8 -5.19 7.50 23.44
CA GLN B 8 -4.98 8.09 22.12
C GLN B 8 -4.10 9.33 22.23
N SER B 9 -3.16 9.33 23.17
CA SER B 9 -2.30 10.46 23.41
C SER B 9 -0.90 9.98 23.76
N SER B 10 0.03 10.94 23.87
CA SER B 10 1.39 10.65 24.27
C SER B 10 2.06 11.95 24.67
N ASP B 11 3.19 11.82 25.38
CA ASP B 11 3.98 12.99 25.70
C ASP B 11 4.83 13.42 24.51
N ILE B 12 5.41 12.47 23.80
CA ILE B 12 6.30 12.73 22.67
C ILE B 12 5.83 11.90 21.49
N CYS B 13 5.76 12.52 20.32
CA CYS B 13 5.36 11.85 19.10
C CYS B 13 6.40 12.10 18.01
N ILE B 14 6.75 11.04 17.28
CA ILE B 14 7.64 11.12 16.13
C ILE B 14 6.90 10.55 14.94
N VAL B 15 6.81 11.34 13.87
CA VAL B 15 6.24 10.89 12.61
C VAL B 15 7.39 10.59 11.66
N GLY B 16 7.43 9.37 11.14
CA GLY B 16 8.53 8.94 10.29
C GLY B 16 9.43 7.94 11.00
N ALA B 17 9.44 6.70 10.52
CA ALA B 17 10.21 5.63 11.12
C ALA B 17 11.40 5.23 10.24
N GLY B 18 12.01 6.22 9.60
CA GLY B 18 13.27 6.02 8.92
C GLY B 18 14.42 6.05 9.92
N ILE B 19 15.64 5.99 9.39
CA ILE B 19 16.82 6.02 10.25
C ILE B 19 16.83 7.30 11.08
N SER B 20 16.27 8.39 10.55
CA SER B 20 16.26 9.65 11.27
C SER B 20 15.28 9.58 12.46
N GLY B 21 14.03 9.21 12.20
CA GLY B 21 13.05 9.17 13.27
C GLY B 21 13.41 8.16 14.34
N LEU B 22 13.83 6.97 13.94
CA LEU B 22 14.24 5.96 14.92
C LEU B 22 15.42 6.45 15.75
N THR B 23 16.40 7.09 15.10
CA THR B 23 17.53 7.63 15.85
C THR B 23 17.08 8.72 16.82
N CYS B 24 16.10 9.53 16.41
CA CYS B 24 15.54 10.54 17.32
C CYS B 24 15.03 9.88 18.59
N ALA B 25 14.20 8.83 18.43
CA ALA B 25 13.66 8.13 19.60
C ALA B 25 14.78 7.57 20.46
N SER B 26 15.84 7.05 19.85
CA SER B 26 16.95 6.50 20.61
C SER B 26 17.62 7.58 21.47
N HIS B 27 17.89 8.73 20.87
CA HIS B 27 18.50 9.83 21.64
C HIS B 27 17.58 10.31 22.74
N LEU B 28 16.30 10.54 22.41
CA LEU B 28 15.35 11.00 23.41
C LEU B 28 15.24 10.02 24.57
N LEU B 29 15.17 8.72 24.26
CA LEU B 29 15.04 7.71 25.32
C LEU B 29 16.33 7.51 26.09
N ASP B 30 17.47 7.89 25.53
CA ASP B 30 18.73 7.88 26.28
C ASP B 30 18.82 9.02 27.28
N SER B 31 17.95 10.04 27.18
CA SER B 31 18.03 11.21 28.05
C SER B 31 17.26 10.96 29.35
N PRO B 32 17.82 11.33 30.50
CA PRO B 32 17.05 11.19 31.75
C PRO B 32 15.83 12.08 31.81
N ALA B 33 15.80 13.18 31.04
CA ALA B 33 14.66 14.09 31.06
C ALA B 33 13.40 13.45 30.51
N CYS B 34 13.52 12.35 29.77
CA CYS B 34 12.37 11.65 29.21
C CYS B 34 11.92 10.47 30.04
N ARG B 35 12.54 10.25 31.20
CA ARG B 35 12.11 9.17 32.08
C ARG B 35 10.65 9.37 32.47
N GLY B 36 9.84 8.33 32.27
CA GLY B 36 8.44 8.39 32.61
C GLY B 36 7.54 9.04 31.58
N LEU B 37 8.06 9.39 30.42
CA LEU B 37 7.27 9.96 29.35
C LEU B 37 6.94 8.91 28.30
N SER B 38 5.77 9.04 27.70
CA SER B 38 5.32 8.12 26.66
C SER B 38 5.74 8.62 25.29
N LEU B 39 6.09 7.69 24.40
CA LEU B 39 6.61 8.01 23.08
C LEU B 39 5.85 7.23 22.04
N ARG B 40 5.25 7.93 21.07
CA ARG B 40 4.49 7.33 19.98
C ARG B 40 5.21 7.59 18.67
N ILE B 41 5.39 6.54 17.88
CA ILE B 41 6.07 6.62 16.59
C ILE B 41 5.10 6.19 15.50
N PHE B 42 4.82 7.09 14.57
CA PHE B 42 3.96 6.82 13.43
C PHE B 42 4.78 6.68 12.16
N ASP B 43 4.20 6.00 11.18
CA ASP B 43 4.78 5.90 9.85
C ASP B 43 3.73 5.34 8.90
N MET B 44 3.66 5.92 7.69
CA MET B 44 2.64 5.51 6.74
C MET B 44 2.89 4.12 6.17
N GLN B 45 4.12 3.63 6.21
CA GLN B 45 4.42 2.29 5.75
C GLN B 45 4.17 1.27 6.87
N GLN B 46 3.94 0.03 6.46
CA GLN B 46 3.73 -1.06 7.41
C GLN B 46 5.03 -1.51 8.07
N GLU B 47 6.18 -1.19 7.49
CA GLU B 47 7.47 -1.53 8.05
C GLU B 47 8.31 -0.27 8.20
N ALA B 48 9.19 -0.27 9.19
CA ALA B 48 10.12 0.82 9.38
C ALA B 48 11.26 0.72 8.36
N GLY B 49 11.98 1.82 8.20
CA GLY B 49 13.14 1.84 7.33
C GLY B 49 13.17 3.02 6.38
N GLY B 50 12.02 3.39 5.83
CA GLY B 50 11.96 4.47 4.87
C GLY B 50 12.69 4.13 3.58
N ARG B 51 13.66 4.96 3.22
CA ARG B 51 14.48 4.73 2.03
C ARG B 51 15.59 3.70 2.27
N ILE B 52 15.57 3.03 3.41
CA ILE B 52 16.39 1.85 3.65
C ILE B 52 15.47 0.64 3.51
N ARG B 53 15.63 -0.11 2.43
CA ARG B 53 14.77 -1.26 2.16
C ARG B 53 15.63 -2.41 1.66
N SER B 54 15.84 -3.40 2.52
CA SER B 54 16.56 -4.61 2.14
C SER B 54 15.56 -5.67 1.70
N LYS B 55 15.98 -6.50 0.75
CA LYS B 55 15.13 -7.56 0.23
C LYS B 55 15.98 -8.75 -0.16
N MET B 56 15.32 -9.89 -0.32
CA MET B 56 15.98 -11.15 -0.66
C MET B 56 15.69 -11.44 -2.13
N LEU B 57 16.73 -11.39 -2.97
CA LEU B 57 16.59 -11.62 -4.39
C LEU B 57 16.52 -13.13 -4.64
N ASP B 58 15.36 -13.62 -5.05
CA ASP B 58 15.17 -15.05 -5.33
C ASP B 58 15.54 -15.89 -4.11
N GLY B 59 15.43 -15.30 -2.93
CA GLY B 59 15.78 -16.03 -1.71
C GLY B 59 17.18 -16.61 -1.73
N LYS B 60 18.13 -15.88 -2.31
CA LYS B 60 19.49 -16.38 -2.47
C LYS B 60 20.53 -15.36 -2.01
N ALA B 61 20.22 -14.07 -2.10
CA ALA B 61 21.18 -13.04 -1.74
C ALA B 61 20.42 -11.78 -1.32
N SER B 62 20.99 -11.07 -0.35
CA SER B 62 20.39 -9.83 0.13
C SER B 62 20.82 -8.67 -0.77
N ILE B 63 19.83 -7.87 -1.18
CA ILE B 63 20.09 -6.70 -2.02
C ILE B 63 19.52 -5.47 -1.32
N GLU B 64 19.97 -4.31 -1.78
CA GLU B 64 19.55 -3.03 -1.21
C GLU B 64 18.78 -2.26 -2.27
N LEU B 65 17.45 -2.22 -2.13
CA LEU B 65 16.62 -1.41 -3.01
C LEU B 65 16.72 0.07 -2.71
N GLY B 66 17.14 0.44 -1.51
CA GLY B 66 17.40 1.82 -1.16
C GLY B 66 18.88 2.06 -0.92
N ALA B 67 19.22 2.66 0.22
CA ALA B 67 20.63 2.86 0.56
C ALA B 67 21.37 1.54 0.54
N GLY B 68 22.59 1.57 0.00
CA GLY B 68 23.33 0.33 -0.24
C GLY B 68 24.79 0.30 0.16
N ARG B 69 25.39 1.45 0.46
CA ARG B 69 26.80 1.50 0.80
C ARG B 69 27.07 2.69 1.69
N TYR B 70 28.27 2.71 2.28
CA TYR B 70 28.69 3.85 3.10
C TYR B 70 30.20 3.83 3.20
N SER B 71 30.77 4.97 3.61
CA SER B 71 32.21 5.13 3.74
C SER B 71 32.53 5.61 5.15
N PRO B 72 33.42 4.91 5.88
CA PRO B 72 33.77 5.39 7.22
C PRO B 72 34.50 6.72 7.23
N GLN B 73 35.12 7.11 6.11
CA GLN B 73 35.81 8.40 6.05
C GLN B 73 34.82 9.55 5.90
N LEU B 74 33.74 9.33 5.14
CA LEU B 74 32.72 10.36 4.95
C LEU B 74 31.62 10.30 5.99
N HIS B 75 31.37 9.13 6.57
CA HIS B 75 30.19 8.89 7.41
C HIS B 75 30.62 8.22 8.71
N PRO B 76 31.31 8.95 9.58
CA PRO B 76 31.76 8.33 10.84
C PRO B 76 30.61 7.96 11.77
N HIS B 77 29.56 8.77 11.83
CA HIS B 77 28.44 8.47 12.71
C HIS B 77 27.71 7.20 12.29
N PHE B 78 27.63 6.94 10.98
CA PHE B 78 26.93 5.74 10.53
C PHE B 78 27.72 4.49 10.85
N GLN B 79 29.05 4.52 10.65
CA GLN B 79 29.87 3.39 11.07
C GLN B 79 29.74 3.14 12.56
N SER B 80 29.65 4.21 13.35
CA SER B 80 29.50 4.06 14.80
C SER B 80 28.17 3.38 15.13
N ALA B 81 27.11 3.70 14.37
CA ALA B 81 25.83 3.04 14.59
C ALA B 81 25.89 1.57 14.22
N MET B 82 26.54 1.25 13.09
CA MET B 82 26.70 -0.14 12.69
C MET B 82 27.43 -0.93 13.78
N GLN B 83 28.51 -0.37 14.31
CA GLN B 83 29.25 -1.04 15.39
C GLN B 83 28.42 -1.08 16.67
N HIS B 84 27.74 0.01 17.01
CA HIS B 84 26.97 0.05 18.25
C HIS B 84 25.87 -1.00 18.27
N TYR B 85 25.34 -1.37 17.10
CA TYR B 85 24.29 -2.37 17.00
C TYR B 85 24.83 -3.71 16.48
N SER B 86 26.15 -3.90 16.50
CA SER B 86 26.75 -5.19 16.17
C SER B 86 26.34 -5.66 14.77
N GLN B 87 26.35 -4.75 13.81
CA GLN B 87 26.02 -5.06 12.43
C GLN B 87 27.31 -5.29 11.66
N LYS B 88 27.44 -6.45 11.04
CA LYS B 88 28.63 -6.79 10.30
C LYS B 88 28.66 -6.06 8.96
N SER B 89 29.83 -5.52 8.61
CA SER B 89 30.05 -4.83 7.35
C SER B 89 30.93 -5.66 6.44
N GLU B 90 30.85 -5.39 5.14
CA GLU B 90 31.67 -6.06 4.15
C GLU B 90 32.11 -5.04 3.11
N VAL B 91 33.21 -5.36 2.43
CA VAL B 91 33.78 -4.45 1.45
C VAL B 91 32.77 -4.20 0.34
N TYR B 92 32.61 -2.93 -0.04
CA TYR B 92 31.78 -2.57 -1.19
C TYR B 92 32.71 -2.47 -2.40
N PRO B 93 32.57 -3.35 -3.40
CA PRO B 93 33.63 -3.47 -4.43
C PRO B 93 33.58 -2.44 -5.54
N PHE B 94 32.50 -1.69 -5.70
CA PHE B 94 32.30 -0.85 -6.89
C PHE B 94 32.92 0.54 -6.67
N THR B 95 34.25 0.53 -6.58
CA THR B 95 35.03 1.75 -6.45
C THR B 95 36.12 1.87 -7.51
N GLN B 96 36.23 0.89 -8.42
CA GLN B 96 37.37 0.82 -9.33
C GLN B 96 37.13 1.70 -10.55
N LEU B 97 38.07 2.61 -10.81
CA LEU B 97 38.10 3.39 -12.05
C LEU B 97 39.56 3.47 -12.50
N LYS B 98 40.14 2.31 -12.82
CA LYS B 98 41.57 2.22 -13.13
C LYS B 98 41.90 2.54 -14.57
N PHE B 99 40.95 2.39 -15.50
CA PHE B 99 41.19 2.58 -16.92
C PHE B 99 40.20 3.65 -17.43
N LYS B 100 40.37 4.87 -16.93
CA LYS B 100 39.47 5.95 -17.31
C LYS B 100 39.49 6.15 -18.82
N SER B 101 38.32 6.40 -19.40
CA SER B 101 38.23 6.73 -20.80
C SER B 101 38.74 8.15 -21.04
N HIS B 102 38.93 8.49 -22.31
CA HIS B 102 39.48 9.80 -22.67
C HIS B 102 38.64 10.92 -22.07
N VAL B 103 37.31 10.84 -22.21
CA VAL B 103 36.46 11.90 -21.69
C VAL B 103 36.42 11.87 -20.17
N GLN B 104 36.62 10.69 -19.56
CA GLN B 104 36.69 10.62 -18.11
C GLN B 104 37.97 11.28 -17.60
N GLN B 105 39.11 10.93 -18.22
CA GLN B 105 40.36 11.60 -17.86
C GLN B 105 40.26 13.10 -18.10
N LYS B 106 39.55 13.51 -19.15
CA LYS B 106 39.45 14.93 -19.47
C LYS B 106 38.62 15.67 -18.43
N LEU B 107 37.55 15.06 -17.93
CA LEU B 107 36.77 15.69 -16.86
C LEU B 107 37.61 15.82 -15.59
N LYS B 108 38.42 14.82 -15.28
CA LYS B 108 39.30 14.90 -14.12
C LYS B 108 40.21 16.12 -14.22
N ARG B 109 40.82 16.33 -15.40
CA ARG B 109 41.68 17.49 -15.59
C ARG B 109 40.89 18.79 -15.57
N ALA B 110 39.70 18.80 -16.17
CA ALA B 110 38.91 20.02 -16.23
C ALA B 110 38.48 20.46 -14.84
N MET B 111 37.87 19.56 -14.07
CA MET B 111 37.46 19.91 -12.71
C MET B 111 38.65 20.40 -11.89
N ASN B 112 39.85 19.88 -12.15
CA ASN B 112 41.04 20.35 -11.44
C ASN B 112 41.41 21.75 -11.88
N GLU B 113 41.48 22.00 -13.18
CA GLU B 113 41.87 23.32 -13.67
C GLU B 113 40.83 24.38 -13.33
N LEU B 114 39.55 24.05 -13.42
CA LEU B 114 38.49 25.00 -13.14
C LEU B 114 38.25 25.19 -11.64
N SER B 115 38.90 24.39 -10.80
CA SER B 115 38.65 24.47 -9.36
C SER B 115 38.74 25.89 -8.80
N PRO B 116 39.73 26.72 -9.16
CA PRO B 116 39.78 28.07 -8.60
C PRO B 116 38.57 28.93 -8.95
N ARG B 117 37.86 28.61 -10.03
CA ARG B 117 36.70 29.41 -10.44
C ARG B 117 35.47 29.13 -9.59
N LEU B 118 35.54 28.21 -8.63
CA LEU B 118 34.36 27.87 -7.84
C LEU B 118 33.93 29.03 -6.94
N LYS B 119 34.88 29.81 -6.43
CA LYS B 119 34.52 30.90 -5.54
C LYS B 119 33.65 31.94 -6.25
N GLU B 120 34.02 32.29 -7.49
CA GLU B 120 33.32 33.33 -8.22
C GLU B 120 32.17 32.81 -9.06
N HIS B 121 32.14 31.52 -9.41
CA HIS B 121 31.12 30.99 -10.30
C HIS B 121 30.59 29.62 -9.86
N GLY B 122 30.86 29.19 -8.63
CA GLY B 122 30.45 27.86 -8.20
C GLY B 122 28.95 27.65 -8.15
N LYS B 123 28.16 28.73 -8.20
CA LYS B 123 26.71 28.61 -8.05
C LYS B 123 25.97 28.44 -9.37
N GLU B 124 26.64 28.61 -10.50
CA GLU B 124 26.01 28.31 -11.78
C GLU B 124 25.96 26.79 -11.98
N SER B 125 25.19 26.36 -12.98
CA SER B 125 25.01 24.94 -13.19
C SER B 125 26.33 24.26 -13.52
N PHE B 126 26.47 23.01 -13.09
CA PHE B 126 27.68 22.25 -13.38
C PHE B 126 27.95 22.20 -14.88
N LEU B 127 26.90 22.03 -15.69
CA LEU B 127 27.09 21.99 -17.14
C LEU B 127 27.71 23.28 -17.65
N GLN B 128 27.14 24.42 -17.28
CA GLN B 128 27.70 25.71 -17.68
C GLN B 128 29.11 25.88 -17.14
N PHE B 129 29.34 25.46 -15.89
CA PHE B 129 30.67 25.58 -15.29
C PHE B 129 31.70 24.80 -16.09
N VAL B 130 31.39 23.53 -16.40
CA VAL B 130 32.32 22.70 -17.16
C VAL B 130 32.45 23.20 -18.61
N SER B 131 31.42 23.88 -19.12
CA SER B 131 31.50 24.39 -20.49
C SER B 131 32.64 25.40 -20.66
N ARG B 132 33.11 26.00 -19.57
CA ARG B 132 34.20 26.95 -19.65
C ARG B 132 35.51 26.31 -20.09
N TYR B 133 35.62 24.98 -20.02
CA TYR B 133 36.87 24.31 -20.32
C TYR B 133 37.09 24.16 -21.83
N GLN B 134 36.10 23.62 -22.53
CA GLN B 134 36.25 23.35 -23.95
C GLN B 134 34.96 23.53 -24.74
N GLY B 135 33.93 24.13 -24.18
CA GLY B 135 32.67 24.33 -24.87
C GLY B 135 31.60 23.39 -24.35
N HIS B 136 30.40 23.56 -24.92
CA HIS B 136 29.25 22.80 -24.45
C HIS B 136 29.35 21.33 -24.84
N ASP B 137 29.60 21.07 -26.13
CA ASP B 137 29.65 19.69 -26.59
C ASP B 137 30.68 18.88 -25.81
N SER B 138 31.88 19.43 -25.63
CA SER B 138 32.89 18.72 -24.86
C SER B 138 32.45 18.49 -23.43
N ALA B 139 31.76 19.48 -22.84
CA ALA B 139 31.29 19.33 -21.47
C ALA B 139 30.27 18.21 -21.35
N VAL B 140 29.34 18.11 -22.30
CA VAL B 140 28.33 17.05 -22.25
C VAL B 140 29.00 15.68 -22.29
N GLY B 141 29.95 15.51 -23.20
CA GLY B 141 30.66 14.24 -23.28
C GLY B 141 31.34 13.89 -21.98
N MET B 142 31.95 14.88 -21.32
CA MET B 142 32.66 14.63 -20.07
C MET B 142 31.68 14.29 -18.95
N ILE B 143 30.63 15.09 -18.79
CA ILE B 143 29.70 14.90 -17.67
C ILE B 143 28.97 13.58 -17.82
N ARG B 144 28.62 13.20 -19.05
CA ARG B 144 27.87 11.96 -19.26
C ARG B 144 28.65 10.74 -18.78
N SER B 145 29.98 10.80 -18.83
CA SER B 145 30.81 9.66 -18.46
C SER B 145 30.85 9.41 -16.95
N MET B 146 30.17 10.22 -16.13
CA MET B 146 30.09 9.96 -14.71
C MET B 146 28.95 9.03 -14.33
N GLY B 147 27.91 8.94 -15.17
CA GLY B 147 26.81 8.03 -14.94
C GLY B 147 25.69 8.56 -14.08
N TYR B 148 25.77 9.81 -13.63
CA TYR B 148 24.75 10.42 -12.78
C TYR B 148 24.09 11.56 -13.57
N ASP B 149 22.86 11.32 -14.02
CA ASP B 149 22.16 12.32 -14.82
C ASP B 149 21.91 13.61 -14.05
N ALA B 150 21.94 13.56 -12.72
CA ALA B 150 21.72 14.77 -11.93
C ALA B 150 22.76 15.84 -12.26
N LEU B 151 23.95 15.43 -12.71
CA LEU B 151 25.01 16.39 -12.99
C LEU B 151 24.65 17.35 -14.12
N PHE B 152 23.66 17.01 -14.95
CA PHE B 152 23.24 17.87 -16.04
C PHE B 152 22.15 18.86 -15.66
N LEU B 153 21.55 18.71 -14.48
CA LEU B 153 20.37 19.51 -14.16
C LEU B 153 20.76 20.97 -13.93
N PRO B 154 19.91 21.92 -14.34
CA PRO B 154 20.21 23.33 -14.04
C PRO B 154 20.19 23.63 -12.56
N ASP B 155 19.36 22.94 -11.78
CA ASP B 155 19.30 23.14 -10.34
C ASP B 155 20.53 22.64 -9.60
N ILE B 156 21.38 21.85 -10.25
CA ILE B 156 22.57 21.28 -9.62
C ILE B 156 23.73 22.19 -9.95
N SER B 157 24.16 22.98 -8.97
CA SER B 157 25.25 23.93 -9.17
C SER B 157 26.58 23.18 -9.29
N ALA B 158 27.62 23.94 -9.63
CA ALA B 158 28.95 23.36 -9.75
C ALA B 158 29.46 22.89 -8.39
N GLU B 159 29.19 23.66 -7.33
CA GLU B 159 29.62 23.26 -5.99
C GLU B 159 28.98 21.93 -5.59
N MET B 160 27.70 21.75 -5.91
CA MET B 160 27.03 20.50 -5.58
C MET B 160 27.60 19.34 -6.39
N ALA B 161 27.93 19.58 -7.66
CA ALA B 161 28.47 18.52 -8.51
C ALA B 161 29.81 18.04 -7.99
N TYR B 162 30.73 18.97 -7.71
CA TYR B 162 32.01 18.59 -7.12
C TYR B 162 31.82 17.71 -5.90
N ASP B 163 30.75 17.97 -5.14
CA ASP B 163 30.45 17.16 -3.96
C ASP B 163 29.87 15.81 -4.36
N ILE B 164 29.04 15.79 -5.40
CA ILE B 164 28.44 14.54 -5.87
C ILE B 164 29.51 13.61 -6.44
N VAL B 165 30.45 14.17 -7.21
CA VAL B 165 31.49 13.34 -7.81
C VAL B 165 32.44 12.81 -6.76
N GLY B 166 32.82 13.66 -5.80
CA GLY B 166 33.79 13.27 -4.78
C GLY B 166 33.24 12.36 -3.70
N LYS B 167 31.91 12.24 -3.60
CA LYS B 167 31.28 11.45 -2.54
C LYS B 167 30.66 10.15 -3.03
N HIS B 168 30.76 9.84 -4.33
CA HIS B 168 30.17 8.61 -4.82
C HIS B 168 31.26 7.61 -5.18
N PRO B 169 31.14 6.35 -4.78
CA PRO B 169 32.28 5.43 -4.89
C PRO B 169 32.77 5.20 -6.30
N GLU B 170 31.86 5.15 -7.29
CA GLU B 170 32.26 4.78 -8.63
C GLU B 170 33.13 5.83 -9.30
N ILE B 171 33.04 7.09 -8.88
CA ILE B 171 33.68 8.19 -9.60
C ILE B 171 34.46 9.09 -8.65
N GLN B 172 34.68 8.65 -7.41
CA GLN B 172 35.35 9.50 -6.43
C GLN B 172 36.77 9.84 -6.85
N SER B 173 37.42 8.96 -7.61
CA SER B 173 38.78 9.22 -8.04
C SER B 173 38.88 10.39 -9.02
N VAL B 174 37.77 10.85 -9.58
CA VAL B 174 37.80 11.98 -10.50
C VAL B 174 38.19 13.27 -9.80
N THR B 175 38.00 13.35 -8.48
CA THR B 175 38.41 14.50 -7.68
C THR B 175 39.43 14.12 -6.62
N ASP B 176 40.17 13.04 -6.86
CA ASP B 176 41.23 12.60 -5.96
C ASP B 176 40.68 12.33 -4.55
N ASN B 177 39.67 11.48 -4.49
CA ASN B 177 39.16 10.94 -3.23
C ASN B 177 39.23 9.42 -3.24
N ASP B 178 40.23 8.87 -3.93
CA ASP B 178 40.35 7.42 -4.07
C ASP B 178 40.67 6.73 -2.76
N ALA B 179 41.12 7.48 -1.74
CA ALA B 179 41.49 6.87 -0.48
C ALA B 179 40.26 6.39 0.30
N ASN B 180 39.11 7.04 0.12
CA ASN B 180 37.93 6.69 0.88
C ASN B 180 37.53 5.24 0.62
N GLN B 181 37.26 4.51 1.71
CA GLN B 181 36.82 3.13 1.63
C GLN B 181 35.29 3.07 1.68
N TRP B 182 34.75 1.98 1.13
CA TRP B 182 33.32 1.81 1.02
C TRP B 182 32.92 0.41 1.49
N PHE B 183 31.83 0.33 2.23
CA PHE B 183 31.37 -0.92 2.82
C PHE B 183 29.86 -1.05 2.64
N ALA B 184 29.40 -2.29 2.67
CA ALA B 184 27.98 -2.61 2.64
C ALA B 184 27.66 -3.51 3.83
N ALA B 185 26.37 -3.62 4.13
CA ALA B 185 25.93 -4.49 5.21
C ALA B 185 25.94 -5.95 4.75
N GLU B 186 26.44 -6.82 5.62
CA GLU B 186 26.49 -8.24 5.28
C GLU B 186 25.09 -8.82 5.14
N THR B 187 24.14 -8.36 5.95
CA THR B 187 22.77 -8.85 5.92
C THR B 187 21.79 -7.77 5.49
N GLY B 188 22.26 -6.64 4.99
CA GLY B 188 21.38 -5.55 4.62
C GLY B 188 21.20 -4.54 5.74
N PHE B 189 21.04 -3.28 5.35
CA PHE B 189 20.88 -2.20 6.31
C PHE B 189 19.58 -2.30 7.09
N ALA B 190 18.63 -3.15 6.66
CA ALA B 190 17.45 -3.40 7.46
C ALA B 190 17.80 -3.98 8.83
N GLY B 191 18.95 -4.63 8.95
CA GLY B 191 19.38 -5.13 10.25
C GLY B 191 19.66 -4.01 11.24
N LEU B 192 20.15 -2.88 10.76
CA LEU B 192 20.35 -1.73 11.63
C LEU B 192 19.02 -1.10 12.04
N ILE B 193 18.12 -0.92 11.07
CA ILE B 193 16.79 -0.41 11.37
C ILE B 193 16.14 -1.26 12.45
N GLN B 194 16.17 -2.59 12.27
CA GLN B 194 15.60 -3.49 13.26
C GLN B 194 16.29 -3.34 14.61
N GLY B 195 17.61 -3.12 14.59
CA GLY B 195 18.34 -2.94 15.84
C GLY B 195 17.90 -1.69 16.58
N ILE B 196 17.77 -0.57 15.86
CA ILE B 196 17.32 0.67 16.49
C ILE B 196 15.87 0.53 16.94
N LYS B 197 15.03 -0.09 16.11
CA LYS B 197 13.62 -0.26 16.47
C LYS B 197 13.49 -1.11 17.75
N ALA B 198 14.15 -2.26 17.79
CA ALA B 198 14.07 -3.12 18.95
C ALA B 198 14.53 -2.38 20.21
N LYS B 199 15.57 -1.55 20.08
CA LYS B 199 16.09 -0.82 21.23
C LYS B 199 15.08 0.18 21.76
N VAL B 200 14.55 1.05 20.89
CA VAL B 200 13.58 2.04 21.34
C VAL B 200 12.31 1.35 21.82
N LYS B 201 11.97 0.20 21.23
CA LYS B 201 10.79 -0.54 21.67
C LYS B 201 10.98 -1.06 23.08
N ALA B 202 12.15 -1.62 23.38
CA ALA B 202 12.42 -2.12 24.72
C ALA B 202 12.34 -1.01 25.76
N ALA B 203 12.63 0.23 25.36
CA ALA B 203 12.59 1.36 26.27
C ALA B 203 11.20 1.96 26.41
N GLY B 204 10.17 1.29 25.92
CA GLY B 204 8.80 1.70 26.13
C GLY B 204 8.15 2.41 24.97
N ALA B 205 8.89 2.71 23.91
CA ALA B 205 8.30 3.35 22.74
C ALA B 205 7.33 2.41 22.06
N ARG B 206 6.18 2.94 21.66
CA ARG B 206 5.14 2.17 21.00
C ARG B 206 4.98 2.65 19.56
N PHE B 207 4.85 1.69 18.64
CA PHE B 207 4.83 1.97 17.21
C PHE B 207 3.41 1.82 16.67
N SER B 208 3.05 2.70 15.73
CA SER B 208 1.78 2.65 15.02
C SER B 208 2.11 2.76 13.53
N LEU B 209 2.42 1.62 12.92
CA LEU B 209 2.78 1.59 11.51
C LEU B 209 1.53 1.42 10.65
N GLY B 210 1.62 1.92 9.42
CA GLY B 210 0.48 1.92 8.52
C GLY B 210 -0.43 3.12 8.65
N TYR B 211 0.04 4.20 9.26
CA TYR B 211 -0.78 5.39 9.48
C TYR B 211 -0.06 6.60 8.89
N ARG B 212 -0.78 7.37 8.07
CA ARG B 212 -0.23 8.53 7.38
C ARG B 212 -0.78 9.80 8.02
N LEU B 213 0.12 10.67 8.45
CA LEU B 213 -0.29 11.97 8.98
C LEU B 213 -0.87 12.81 7.85
N LEU B 214 -2.05 13.37 8.09
CA LEU B 214 -2.71 14.23 7.10
C LEU B 214 -2.61 15.71 7.45
N SER B 215 -2.75 16.05 8.72
CA SER B 215 -2.68 17.45 9.14
C SER B 215 -2.34 17.48 10.62
N VAL B 216 -2.01 18.67 11.10
CA VAL B 216 -1.69 18.89 12.50
C VAL B 216 -2.02 20.34 12.82
N ARG B 217 -2.49 20.58 14.05
CA ARG B 217 -2.82 21.91 14.48
C ARG B 217 -2.49 22.03 15.97
N THR B 218 -2.12 23.25 16.39
CA THR B 218 -1.85 23.49 17.79
C THR B 218 -3.11 23.26 18.62
N ASP B 219 -2.92 22.75 19.83
CA ASP B 219 -4.01 22.44 20.75
C ASP B 219 -3.52 22.76 22.17
N GLY B 220 -3.70 24.02 22.56
CA GLY B 220 -3.19 24.44 23.86
C GLY B 220 -1.68 24.34 23.88
N ASP B 221 -1.16 23.55 24.83
CA ASP B 221 0.28 23.33 24.92
C ASP B 221 0.77 22.19 24.05
N GLY B 222 -0.14 21.45 23.40
CA GLY B 222 0.24 20.32 22.57
C GLY B 222 -0.25 20.45 21.14
N TYR B 223 -0.44 19.31 20.47
CA TYR B 223 -0.83 19.28 19.07
C TYR B 223 -1.86 18.17 18.86
N LEU B 224 -2.72 18.38 17.86
CA LEU B 224 -3.71 17.39 17.44
C LEU B 224 -3.34 16.91 16.04
N LEU B 225 -2.98 15.65 15.93
CA LEU B 225 -2.59 15.04 14.66
C LEU B 225 -3.76 14.26 14.08
N GLN B 226 -4.06 14.51 12.80
CA GLN B 226 -5.05 13.74 12.07
C GLN B 226 -4.32 12.75 11.18
N LEU B 227 -4.57 11.46 11.42
CA LEU B 227 -3.92 10.39 10.66
C LEU B 227 -4.96 9.49 10.03
N ALA B 228 -4.55 8.79 8.98
CA ALA B 228 -5.40 7.83 8.28
C ALA B 228 -4.63 6.53 8.12
N GLY B 229 -5.25 5.43 8.51
CA GLY B 229 -4.66 4.13 8.26
C GLY B 229 -4.69 3.78 6.79
N ASP B 230 -3.88 2.79 6.42
CA ASP B 230 -3.84 2.35 5.03
C ASP B 230 -5.12 1.66 4.59
N ASP B 231 -6.00 1.30 5.53
CA ASP B 231 -7.31 0.75 5.21
C ASP B 231 -8.43 1.78 5.37
N GLY B 232 -8.08 3.06 5.57
CA GLY B 232 -9.05 4.13 5.63
C GLY B 232 -9.43 4.57 7.04
N TRP B 233 -9.01 3.83 8.07
CA TRP B 233 -9.43 4.15 9.43
C TRP B 233 -8.86 5.49 9.86
N LYS B 234 -9.75 6.43 10.19
CA LYS B 234 -9.33 7.75 10.62
C LYS B 234 -8.96 7.74 12.09
N LEU B 235 -7.84 8.39 12.41
CA LEU B 235 -7.30 8.37 13.76
C LEU B 235 -6.85 9.78 14.14
N GLU B 236 -7.17 10.18 15.36
CA GLU B 236 -6.70 11.42 15.94
C GLU B 236 -5.78 11.11 17.10
N HIS B 237 -4.67 11.84 17.18
CA HIS B 237 -3.68 11.63 18.22
C HIS B 237 -3.26 12.97 18.79
N ARG B 238 -3.05 13.01 20.10
CA ARG B 238 -2.71 14.23 20.83
C ARG B 238 -1.35 14.04 21.48
N THR B 239 -0.46 15.01 21.29
CA THR B 239 0.86 14.97 21.88
C THR B 239 1.27 16.37 22.32
N ARG B 240 2.22 16.41 23.26
CA ARG B 240 2.77 17.68 23.73
C ARG B 240 4.01 18.10 22.96
N HIS B 241 4.79 17.13 22.47
CA HIS B 241 6.05 17.40 21.77
C HIS B 241 6.09 16.55 20.51
N LEU B 242 6.38 17.19 19.38
CA LEU B 242 6.28 16.54 18.08
C LEU B 242 7.56 16.74 17.27
N ILE B 243 8.02 15.65 16.65
CA ILE B 243 9.11 15.68 15.67
C ILE B 243 8.58 15.09 14.38
N LEU B 244 8.79 15.81 13.28
CA LEU B 244 8.44 15.32 11.95
C LEU B 244 9.74 14.85 11.28
N ALA B 245 10.06 13.57 11.47
CA ALA B 245 11.23 12.97 10.84
C ALA B 245 10.88 12.48 9.44
N ILE B 246 10.54 13.44 8.59
CA ILE B 246 10.14 13.16 7.21
C ILE B 246 10.85 14.15 6.30
N PRO B 247 11.04 13.80 5.03
CA PRO B 247 11.81 14.66 4.13
C PRO B 247 11.02 15.87 3.68
N PRO B 248 11.69 16.87 3.11
CA PRO B 248 10.97 18.10 2.70
C PRO B 248 9.80 17.84 1.76
N SER B 249 9.92 16.88 0.85
CA SER B 249 8.80 16.58 -0.05
C SER B 249 7.56 16.19 0.73
N ALA B 250 7.74 15.41 1.81
CA ALA B 250 6.61 15.02 2.65
C ALA B 250 6.12 16.18 3.52
N MET B 251 6.97 17.16 3.80
CA MET B 251 6.55 18.31 4.60
C MET B 251 5.60 19.19 3.81
N ALA B 252 5.85 19.37 2.51
CA ALA B 252 5.01 20.25 1.70
C ALA B 252 3.57 19.75 1.63
N GLY B 253 3.36 18.45 1.79
CA GLY B 253 2.02 17.88 1.73
C GLY B 253 1.19 18.09 2.96
N LEU B 254 1.74 18.70 4.01
CA LEU B 254 1.02 18.95 5.25
C LEU B 254 0.57 20.41 5.31
N ASN B 255 -0.09 20.76 6.40
CA ASN B 255 -0.61 22.12 6.59
C ASN B 255 0.26 22.89 7.59
N VAL B 256 1.57 22.83 7.41
CA VAL B 256 2.51 23.39 8.37
C VAL B 256 3.31 24.55 7.76
N ASP B 257 2.86 25.10 6.64
CA ASP B 257 3.49 26.26 6.02
C ASP B 257 4.97 26.01 5.75
N PHE B 258 5.26 24.85 5.18
CA PHE B 258 6.63 24.49 4.83
C PHE B 258 6.92 24.91 3.39
N PRO B 259 8.11 25.47 3.12
CA PRO B 259 9.25 25.73 4.01
C PRO B 259 9.28 27.14 4.61
N GLU B 260 8.40 28.02 4.14
CA GLU B 260 8.48 29.43 4.51
C GLU B 260 8.52 29.62 6.02
N ALA B 261 7.71 28.87 6.76
CA ALA B 261 7.62 29.03 8.21
C ALA B 261 8.69 28.26 8.96
N TRP B 262 9.65 27.65 8.25
CA TRP B 262 10.66 26.81 8.87
C TRP B 262 12.08 27.27 8.59
N SER B 263 12.36 27.80 7.41
CA SER B 263 13.69 28.27 7.05
C SER B 263 13.57 29.22 5.88
N GLY B 264 14.70 29.81 5.50
CA GLY B 264 14.76 30.65 4.33
C GLY B 264 15.21 29.96 3.07
N ALA B 265 15.51 28.67 3.15
CA ALA B 265 16.01 27.91 2.02
C ALA B 265 14.88 27.13 1.33
N ARG B 266 15.08 26.85 0.06
CA ARG B 266 14.20 26.00 -0.73
C ARG B 266 14.86 24.65 -0.92
N TYR B 267 14.08 23.69 -1.42
CA TYR B 267 14.52 22.30 -1.48
C TYR B 267 14.11 21.68 -2.80
N GLY B 268 14.94 20.73 -3.26
CA GLY B 268 14.67 20.00 -4.48
C GLY B 268 14.80 18.51 -4.24
N SER B 269 14.44 17.75 -5.28
CA SER B 269 14.46 16.29 -5.18
C SER B 269 14.71 15.71 -6.56
N LEU B 270 15.18 14.46 -6.57
CA LEU B 270 15.48 13.73 -7.79
C LEU B 270 14.98 12.30 -7.66
N PRO B 271 14.39 11.73 -8.70
CA PRO B 271 13.96 10.33 -8.64
C PRO B 271 15.13 9.37 -8.84
N LEU B 272 15.03 8.21 -8.20
CA LEU B 272 16.03 7.16 -8.32
C LEU B 272 15.36 5.85 -8.71
N PHE B 273 16.12 4.99 -9.38
CA PHE B 273 15.61 3.71 -9.83
C PHE B 273 16.73 2.68 -9.76
N LYS B 274 16.42 1.53 -9.15
CA LYS B 274 17.30 0.39 -9.13
C LYS B 274 16.59 -0.82 -9.72
N GLY B 275 17.38 -1.69 -10.36
CA GLY B 275 16.86 -2.94 -10.89
C GLY B 275 17.85 -4.06 -10.72
N PHE B 276 17.44 -5.15 -10.07
CA PHE B 276 18.29 -6.30 -9.82
C PHE B 276 17.81 -7.49 -10.63
N LEU B 277 18.75 -8.24 -11.19
CA LEU B 277 18.44 -9.43 -11.97
C LEU B 277 19.36 -10.56 -11.58
N THR B 278 18.80 -11.77 -11.51
CA THR B 278 19.57 -12.98 -11.27
C THR B 278 19.35 -13.94 -12.43
N TYR B 279 20.39 -14.74 -12.73
CA TYR B 279 20.37 -15.63 -13.87
C TYR B 279 20.74 -17.04 -13.42
N GLY B 280 20.55 -18.00 -14.32
CA GLY B 280 20.92 -19.36 -14.02
C GLY B 280 22.42 -19.57 -13.98
N GLU B 281 23.17 -18.73 -14.69
CA GLU B 281 24.62 -18.81 -14.71
C GLU B 281 25.21 -17.42 -14.64
N PRO B 282 26.37 -17.25 -14.00
CA PRO B 282 27.05 -15.95 -14.03
C PRO B 282 27.71 -15.70 -15.38
N TRP B 283 26.89 -15.46 -16.40
CA TRP B 283 27.38 -15.34 -17.77
C TRP B 283 28.43 -14.24 -17.91
N TRP B 284 28.38 -13.22 -17.06
CA TRP B 284 29.31 -12.09 -17.17
C TRP B 284 30.73 -12.47 -16.79
N LEU B 285 30.96 -13.62 -16.15
CA LEU B 285 32.32 -14.02 -15.83
C LEU B 285 33.14 -14.25 -17.09
N ASP B 286 32.51 -14.68 -18.18
CA ASP B 286 33.20 -14.84 -19.45
C ASP B 286 33.89 -13.55 -19.88
N TYR B 287 33.43 -12.39 -19.39
CA TYR B 287 34.00 -11.10 -19.74
C TYR B 287 34.78 -10.48 -18.58
N LYS B 288 35.01 -11.25 -17.51
CA LYS B 288 35.78 -10.76 -16.36
C LYS B 288 35.19 -9.48 -15.80
N LEU B 289 33.87 -9.46 -15.66
CA LEU B 289 33.16 -8.28 -15.17
C LEU B 289 32.76 -8.37 -13.71
N ASP B 290 33.05 -9.48 -13.03
CA ASP B 290 32.64 -9.64 -11.64
C ASP B 290 33.25 -8.55 -10.78
N ASP B 291 32.43 -7.96 -9.91
CA ASP B 291 32.83 -6.86 -9.02
C ASP B 291 33.28 -5.63 -9.80
N GLN B 292 32.85 -5.50 -11.05
CA GLN B 292 33.11 -4.32 -11.85
C GLN B 292 31.82 -3.52 -12.02
N VAL B 293 31.97 -2.23 -12.29
CA VAL B 293 30.86 -1.35 -12.61
C VAL B 293 31.18 -0.65 -13.93
N LEU B 294 30.23 -0.69 -14.86
CA LEU B 294 30.37 -0.05 -16.16
C LEU B 294 29.56 1.24 -16.17
N ILE B 295 30.18 2.33 -16.63
CA ILE B 295 29.51 3.61 -16.82
C ILE B 295 29.45 3.85 -18.32
N VAL B 296 28.23 3.95 -18.85
CA VAL B 296 28.01 3.87 -20.29
C VAL B 296 27.03 4.95 -20.73
N ASP B 297 27.25 5.46 -21.94
CA ASP B 297 26.33 6.40 -22.58
C ASP B 297 25.14 5.59 -23.12
N ASN B 298 24.32 5.13 -22.19
CA ASN B 298 23.35 4.08 -22.43
C ASN B 298 22.32 4.15 -21.31
N PRO B 299 21.03 3.92 -21.59
CA PRO B 299 20.01 4.17 -20.56
C PRO B 299 20.25 3.45 -19.24
N LEU B 300 20.95 2.31 -19.26
CA LEU B 300 21.30 1.64 -18.01
C LEU B 300 22.25 2.51 -17.17
N ARG B 301 23.10 3.29 -17.82
CA ARG B 301 24.00 4.24 -17.16
C ARG B 301 25.08 3.54 -16.34
N LYS B 302 24.71 2.91 -15.24
CA LYS B 302 25.67 2.27 -14.34
C LYS B 302 25.25 0.81 -14.12
N ILE B 303 26.09 -0.11 -14.57
CA ILE B 303 25.80 -1.54 -14.53
C ILE B 303 26.77 -2.19 -13.56
N TYR B 304 26.22 -2.86 -12.54
CA TYR B 304 27.02 -3.45 -11.48
C TYR B 304 26.92 -4.97 -11.54
N PHE B 305 28.06 -5.65 -11.50
CA PHE B 305 28.11 -7.10 -11.45
C PHE B 305 28.69 -7.51 -10.10
N LYS B 306 27.84 -8.12 -9.26
CA LYS B 306 28.23 -8.50 -7.90
C LYS B 306 28.74 -9.93 -7.95
N GLY B 307 30.07 -10.09 -7.93
CA GLY B 307 30.68 -11.40 -7.98
C GLY B 307 30.08 -12.29 -9.05
N ASP B 308 29.59 -13.46 -8.65
CA ASP B 308 28.86 -14.35 -9.53
C ASP B 308 27.41 -14.52 -9.12
N LYS B 309 26.91 -13.65 -8.23
CA LYS B 309 25.57 -13.81 -7.67
C LYS B 309 24.50 -13.16 -8.55
N TYR B 310 24.67 -11.89 -8.89
CA TYR B 310 23.64 -11.14 -9.60
C TYR B 310 24.26 -9.88 -10.18
N LEU B 311 23.45 -9.13 -10.93
CA LEU B 311 23.82 -7.83 -11.43
C LEU B 311 22.66 -6.86 -11.20
N PHE B 312 22.96 -5.58 -11.30
CA PHE B 312 21.93 -4.56 -11.15
C PHE B 312 22.41 -3.26 -11.78
N PHE B 313 21.48 -2.33 -11.97
CA PHE B 313 21.79 -1.01 -12.49
C PHE B 313 21.14 0.05 -11.63
N TYR B 314 21.69 1.26 -11.70
CA TYR B 314 21.32 2.37 -10.83
C TYR B 314 21.25 3.63 -11.67
N THR B 315 20.09 4.30 -11.65
CA THR B 315 19.88 5.51 -12.45
C THR B 315 19.19 6.56 -11.60
N ASP B 316 19.28 7.81 -12.07
CA ASP B 316 18.66 8.94 -11.39
C ASP B 316 18.13 9.92 -12.42
N SER B 317 17.28 10.84 -11.97
CA SER B 317 16.79 11.97 -12.77
C SER B 317 16.01 11.40 -13.95
N GLU B 318 16.23 11.88 -15.18
CA GLU B 318 15.38 11.49 -16.30
C GLU B 318 15.47 10.01 -16.60
N MET B 319 16.62 9.39 -16.36
CA MET B 319 16.75 7.96 -16.62
C MET B 319 15.99 7.13 -15.60
N ALA B 320 15.93 7.58 -14.34
CA ALA B 320 15.06 6.91 -13.37
C ALA B 320 13.62 6.91 -13.86
N ASN B 321 13.16 8.05 -14.38
CA ASN B 321 11.80 8.13 -14.92
C ASN B 321 11.67 7.31 -16.20
N TYR B 322 12.72 7.24 -17.02
CA TYR B 322 12.69 6.42 -18.22
C TYR B 322 12.40 4.96 -17.86
N TRP B 323 13.10 4.42 -16.87
CA TRP B 323 12.91 3.03 -16.50
C TRP B 323 11.56 2.80 -15.83
N ARG B 324 11.09 3.77 -15.05
CA ARG B 324 9.78 3.63 -14.41
C ARG B 324 8.66 3.62 -15.43
N GLY B 325 8.75 4.48 -16.45
CA GLY B 325 7.76 4.49 -17.51
C GLY B 325 7.82 3.22 -18.33
N CSS B 326 9.02 2.64 -18.40
CA CSS B 326 9.25 1.42 -19.14
CB CSS B 326 10.73 1.17 -19.44
SG CSS B 326 11.10 -0.18 -20.50
SD CSS B 326 10.60 0.45 -22.45
C CSS B 326 8.64 0.25 -18.38
O CSS B 326 8.13 -0.73 -18.94
H CSS B 326 9.85 2.99 -17.97
HA CSS B 326 8.70 1.53 -20.13
HB2 CSS B 326 11.15 2.04 -20.01
HB3 CSS B 326 11.30 1.09 -18.49
HD CSS B 326 11.23 1.63 -22.46
N VAL B 327 8.67 0.34 -17.06
CA VAL B 327 8.05 -0.66 -16.20
C VAL B 327 6.53 -0.57 -16.34
N ALA B 328 6.03 0.66 -16.46
CA ALA B 328 4.59 0.86 -16.57
C ALA B 328 4.03 0.31 -17.88
N GLU B 329 4.87 0.22 -18.91
CA GLU B 329 4.41 -0.30 -20.20
C GLU B 329 4.34 -1.82 -20.24
N GLY B 330 4.88 -2.51 -19.25
CA GLY B 330 4.81 -3.96 -19.20
C GLY B 330 6.12 -4.58 -18.75
N GLU B 331 6.02 -5.69 -18.00
CA GLU B 331 7.21 -6.39 -17.55
C GLU B 331 7.99 -6.97 -18.71
N ASP B 332 7.30 -7.56 -19.70
CA ASP B 332 7.99 -8.13 -20.84
C ASP B 332 8.83 -7.07 -21.57
N GLY B 333 8.20 -5.96 -21.94
CA GLY B 333 8.94 -4.88 -22.58
C GLY B 333 10.06 -4.36 -21.69
N TYR B 334 9.83 -4.32 -20.38
CA TYR B 334 10.85 -3.84 -19.45
C TYR B 334 12.07 -4.74 -19.45
N LEU B 335 11.87 -6.06 -19.43
CA LEU B 335 13.00 -6.99 -19.40
C LEU B 335 13.69 -7.10 -20.75
N GLU B 336 12.96 -6.99 -21.85
CA GLU B 336 13.61 -7.01 -23.15
C GLU B 336 14.41 -5.74 -23.40
N GLN B 337 14.00 -4.63 -22.79
CA GLN B 337 14.76 -3.39 -22.91
C GLN B 337 16.09 -3.49 -22.17
N ILE B 338 16.09 -4.07 -20.97
CA ILE B 338 17.33 -4.31 -20.24
C ILE B 338 18.26 -5.18 -21.08
N ARG B 339 17.71 -6.26 -21.66
CA ARG B 339 18.53 -7.15 -22.45
C ARG B 339 19.14 -6.43 -23.66
N THR B 340 18.34 -5.60 -24.33
CA THR B 340 18.86 -4.84 -25.47
C THR B 340 19.99 -3.92 -25.04
N HIS B 341 19.84 -3.25 -23.91
CA HIS B 341 20.84 -2.28 -23.47
C HIS B 341 22.08 -2.94 -22.89
N LEU B 342 21.93 -4.10 -22.24
CA LEU B 342 23.10 -4.84 -21.79
C LEU B 342 23.97 -5.26 -22.97
N ALA B 343 23.33 -5.70 -24.06
CA ALA B 343 24.07 -6.12 -25.24
C ALA B 343 24.90 -4.97 -25.81
N SER B 344 24.26 -3.81 -26.00
CA SER B 344 24.98 -2.67 -26.57
C SER B 344 26.02 -2.12 -25.61
N ALA B 345 25.80 -2.28 -24.31
CA ALA B 345 26.75 -1.76 -23.32
C ALA B 345 28.00 -2.62 -23.22
N LEU B 346 27.90 -3.91 -23.54
CA LEU B 346 29.05 -4.81 -23.51
C LEU B 346 29.64 -5.07 -24.89
N GLY B 347 29.01 -4.60 -25.95
CA GLY B 347 29.49 -4.86 -27.29
C GLY B 347 29.31 -6.30 -27.72
N ILE B 348 28.16 -6.90 -27.41
CA ILE B 348 27.85 -8.26 -27.79
C ILE B 348 26.43 -8.29 -28.35
N VAL B 349 26.08 -9.42 -28.94
CA VAL B 349 24.77 -9.55 -29.60
C VAL B 349 23.72 -9.90 -28.57
N ARG B 350 22.52 -9.35 -28.76
CA ARG B 350 21.44 -9.50 -27.80
C ARG B 350 21.24 -10.94 -27.38
N GLU B 351 21.31 -11.88 -28.33
CA GLU B 351 20.98 -13.27 -28.04
C GLU B 351 22.07 -13.98 -27.25
N ARG B 352 23.20 -13.33 -27.00
CA ARG B 352 24.23 -13.89 -26.12
C ARG B 352 24.00 -13.50 -24.66
N ILE B 353 22.91 -12.80 -24.37
CA ILE B 353 22.52 -12.43 -23.01
C ILE B 353 21.26 -13.22 -22.65
N PRO B 354 21.33 -14.16 -21.72
CA PRO B 354 20.14 -14.98 -21.41
C PRO B 354 19.05 -14.16 -20.74
N GLN B 355 17.87 -14.77 -20.66
CA GLN B 355 16.77 -14.17 -19.95
C GLN B 355 16.96 -14.33 -18.44
N PRO B 356 16.52 -13.36 -17.65
CA PRO B 356 16.75 -13.45 -16.20
C PRO B 356 15.88 -14.52 -15.56
N LEU B 357 16.40 -15.07 -14.47
CA LEU B 357 15.67 -16.08 -13.69
C LEU B 357 14.73 -15.43 -12.67
N ALA B 358 15.04 -14.21 -12.23
CA ALA B 358 14.19 -13.47 -11.31
C ALA B 358 14.75 -12.05 -11.25
N HIS B 359 13.88 -11.10 -10.91
CA HIS B 359 14.29 -9.71 -10.90
C HIS B 359 13.36 -8.91 -10.00
N VAL B 360 13.89 -7.83 -9.44
CA VAL B 360 13.11 -6.86 -8.67
C VAL B 360 13.66 -5.48 -8.96
N HIS B 361 12.80 -4.47 -8.84
CA HIS B 361 13.17 -3.09 -9.09
C HIS B 361 12.42 -2.20 -8.10
N LYS B 362 12.92 -0.98 -7.94
CA LYS B 362 12.27 -0.01 -7.07
C LYS B 362 12.48 1.39 -7.62
N TYR B 363 11.41 2.16 -7.67
CA TYR B 363 11.43 3.55 -8.12
C TYR B 363 11.11 4.44 -6.94
N TRP B 364 12.00 5.38 -6.62
CA TRP B 364 11.81 6.33 -5.53
C TRP B 364 11.54 7.70 -6.17
N ALA B 365 10.29 8.13 -6.13
CA ALA B 365 9.93 9.41 -6.72
C ALA B 365 10.77 10.55 -6.16
N HIS B 366 11.16 10.44 -4.88
CA HIS B 366 11.99 11.45 -4.22
C HIS B 366 13.18 10.78 -3.55
N GLY B 367 13.92 9.98 -4.32
CA GLY B 367 15.04 9.25 -3.76
C GLY B 367 16.05 10.15 -3.07
N VAL B 368 16.37 11.28 -3.70
CA VAL B 368 17.31 12.25 -3.14
C VAL B 368 16.57 13.55 -2.92
N GLU B 369 16.79 14.16 -1.76
CA GLU B 369 16.25 15.48 -1.45
C GLU B 369 17.37 16.34 -0.89
N PHE B 370 17.51 17.54 -1.44
CA PHE B 370 18.67 18.37 -1.18
C PHE B 370 18.23 19.82 -0.99
N CYS B 371 19.12 20.61 -0.41
CA CYS B 371 18.90 22.04 -0.25
C CYS B 371 19.52 22.79 -1.43
N ARG B 372 18.87 23.87 -1.84
CA ARG B 372 19.33 24.66 -2.98
C ARG B 372 20.52 25.55 -2.64
N ASP B 373 21.06 25.45 -1.42
CA ASP B 373 22.14 26.32 -0.99
C ASP B 373 23.27 25.52 -0.35
N HIS B 378 20.75 25.70 6.76
CA HIS B 378 22.07 25.52 7.36
C HIS B 378 21.99 24.69 8.64
N PRO B 379 21.02 24.96 9.52
CA PRO B 379 20.91 24.16 10.74
C PRO B 379 20.60 22.71 10.43
N SER B 380 21.09 21.81 11.30
CA SER B 380 20.87 20.38 11.10
C SER B 380 19.43 19.97 11.33
N ALA B 381 18.63 20.82 11.98
CA ALA B 381 17.22 20.55 12.18
C ALA B 381 16.47 21.88 12.23
N LEU B 382 15.24 21.86 11.74
CA LEU B 382 14.43 23.07 11.62
C LEU B 382 13.35 23.08 12.68
N SER B 383 12.86 24.28 12.97
CA SER B 383 11.80 24.49 13.94
C SER B 383 10.78 25.47 13.36
N HIS B 384 9.50 25.21 13.62
CA HIS B 384 8.45 26.11 13.15
C HIS B 384 8.45 27.39 13.97
N ARG B 385 8.28 28.52 13.29
CA ARG B 385 8.32 29.82 13.96
C ARG B 385 7.34 29.87 15.12
N ASP B 386 6.09 29.47 14.88
CA ASP B 386 5.01 29.64 15.84
C ASP B 386 4.76 28.39 16.69
N SER B 387 4.61 27.23 16.06
CA SER B 387 4.13 26.05 16.75
C SER B 387 5.21 25.31 17.53
N GLY B 388 6.48 25.49 17.17
CA GLY B 388 7.55 24.78 17.83
C GLY B 388 7.72 23.34 17.38
N ILE B 389 7.05 22.92 16.30
CA ILE B 389 7.27 21.59 15.75
C ILE B 389 8.67 21.52 15.17
N ILE B 390 9.36 20.42 15.44
CA ILE B 390 10.72 20.20 14.98
C ILE B 390 10.68 19.35 13.72
N ALA B 391 11.59 19.63 12.78
CA ALA B 391 11.70 18.90 11.53
C ALA B 391 13.07 18.26 11.44
N CYS B 392 13.09 16.96 11.12
CA CYS B 392 14.32 16.18 11.07
C CYS B 392 14.43 15.50 9.71
N SER B 393 15.53 15.76 9.01
CA SER B 393 15.77 15.16 7.71
C SER B 393 17.24 15.34 7.34
N ASP B 394 17.73 14.43 6.48
CA ASP B 394 19.11 14.55 6.00
C ASP B 394 19.28 15.77 5.10
N ALA B 395 18.21 16.22 4.44
CA ALA B 395 18.30 17.36 3.53
C ALA B 395 18.66 18.66 4.25
N TYR B 396 18.60 18.69 5.58
CA TYR B 396 18.93 19.89 6.34
C TYR B 396 20.39 19.94 6.76
N THR B 397 21.23 19.04 6.25
CA THR B 397 22.60 18.89 6.70
C THR B 397 23.56 18.99 5.52
N GLU B 398 24.85 19.05 5.84
CA GLU B 398 25.88 19.03 4.81
C GLU B 398 26.01 17.66 4.15
N HIS B 399 25.25 16.66 4.59
CA HIS B 399 25.22 15.34 4.00
C HIS B 399 23.85 15.02 3.42
N CYS B 400 23.19 16.04 2.87
CA CYS B 400 21.90 15.84 2.22
C CYS B 400 22.00 14.75 1.16
N GLY B 401 21.12 13.77 1.25
CA GLY B 401 21.13 12.64 0.35
C GLY B 401 21.84 11.42 0.88
N TRP B 402 22.35 11.45 2.12
CA TRP B 402 23.10 10.35 2.69
C TRP B 402 22.57 10.05 4.10
N MET B 403 22.68 8.77 4.48
CA MET B 403 22.22 8.35 5.80
C MET B 403 22.93 9.11 6.91
N GLU B 404 24.20 9.47 6.70
CA GLU B 404 24.92 10.26 7.69
C GLU B 404 24.17 11.53 8.04
N GLY B 405 23.51 12.14 7.04
CA GLY B 405 22.76 13.36 7.30
C GLY B 405 21.58 13.13 8.22
N GLY B 406 20.92 11.98 8.07
CA GLY B 406 19.83 11.66 8.98
C GLY B 406 20.29 11.55 10.42
N LEU B 407 21.46 10.95 10.64
CA LEU B 407 22.00 10.84 11.99
C LEU B 407 22.37 12.22 12.53
N LEU B 408 22.92 13.09 11.68
CA LEU B 408 23.26 14.43 12.12
C LEU B 408 22.00 15.24 12.44
N SER B 409 20.97 15.12 11.60
CA SER B 409 19.72 15.84 11.86
C SER B 409 19.04 15.31 13.11
N ALA B 410 19.04 13.98 13.29
CA ALA B 410 18.40 13.39 14.45
C ALA B 410 19.01 13.90 15.75
N ARG B 411 20.35 13.95 15.82
CA ARG B 411 21.02 14.44 17.02
C ARG B 411 20.55 15.85 17.35
N GLU B 412 20.51 16.74 16.35
CA GLU B 412 20.08 18.11 16.59
C GLU B 412 18.59 18.19 16.86
N ALA B 413 17.78 17.38 16.18
CA ALA B 413 16.34 17.39 16.41
C ALA B 413 16.03 16.93 17.83
N SER B 414 16.65 15.85 18.28
CA SER B 414 16.50 15.42 19.67
C SER B 414 16.93 16.52 20.62
N ARG B 415 18.01 17.22 20.30
CA ARG B 415 18.48 18.32 21.13
C ARG B 415 17.41 19.39 21.29
N LEU B 416 16.83 19.83 20.16
CA LEU B 416 15.82 20.89 20.22
C LEU B 416 14.61 20.46 21.03
N LEU B 417 14.19 19.21 20.89
CA LEU B 417 13.02 18.74 21.63
C LEU B 417 13.30 18.71 23.13
N LEU B 418 14.50 18.28 23.52
CA LEU B 418 14.85 18.28 24.93
C LEU B 418 14.89 19.71 25.48
N GLN B 419 15.34 20.66 24.67
CA GLN B 419 15.30 22.06 25.07
C GLN B 419 13.86 22.53 25.28
N ARG B 420 12.92 21.99 24.51
CA ARG B 420 11.52 22.33 24.69
C ARG B 420 10.95 21.67 25.95
N ILE B 421 11.38 20.44 26.24
CA ILE B 421 10.88 19.72 27.41
C ILE B 421 11.29 20.44 28.68
N ALA B 422 12.56 20.84 28.78
CA ALA B 422 13.08 21.45 30.00
C ALA B 422 12.80 22.94 30.09
N ALA B 423 12.17 23.54 29.09
CA ALA B 423 11.88 24.97 29.12
C ALA B 423 11.03 25.32 30.33
PA FDA C . -14.87 -4.84 -5.41
O1A FDA C . -14.87 -3.80 -4.32
O2A FDA C . -14.67 -6.29 -5.04
O5B FDA C . -13.74 -4.44 -6.47
C5B FDA C . -13.55 -3.09 -6.88
C4B FDA C . -12.11 -2.90 -7.34
O4B FDA C . -11.92 -1.61 -7.90
C3B FDA C . -11.13 -3.06 -6.19
O3B FDA C . -10.20 -4.09 -6.49
C2B FDA C . -10.45 -1.71 -6.07
O2B FDA C . -9.05 -1.85 -5.78
C1B FDA C . -10.67 -1.08 -7.43
N9A FDA C . -10.77 0.40 -7.38
C8A FDA C . -11.65 1.12 -6.66
N7A FDA C . -11.47 2.45 -6.86
C5A FDA C . -10.46 2.59 -7.74
C6A FDA C . -9.75 3.71 -8.38
N6A FDA C . -10.12 4.99 -8.10
N1A FDA C . -8.75 3.43 -9.23
C2A FDA C . -8.38 2.17 -9.50
N3A FDA C . -8.98 1.10 -8.95
C4A FDA C . -10.01 1.24 -8.08
N1 FDA C . -20.36 -11.52 -1.10
C2 FDA C . -20.87 -12.75 -1.20
O2 FDA C . -21.38 -13.11 -2.25
N3 FDA C . -20.80 -13.61 -0.18
C4 FDA C . -20.23 -13.34 0.99
O4 FDA C . -20.12 -14.17 1.89
C4X FDA C . -19.67 -11.97 1.19
N5 FDA C . -19.06 -11.57 2.45
C5X FDA C . -18.30 -10.47 2.52
C6 FDA C . -17.51 -10.24 3.63
C7 FDA C . -16.68 -9.12 3.69
C7M FDA C . -15.85 -8.93 4.94
C8 FDA C . -16.64 -8.17 2.55
C8M FDA C . -15.75 -6.96 2.58
C9 FDA C . -17.42 -8.40 1.44
C9A FDA C . -18.25 -9.52 1.37
N10 FDA C . -19.06 -9.79 0.25
C10 FDA C . -19.70 -11.09 0.11
C1' FDA C . -19.37 -8.83 -0.79
C2' FDA C . -18.38 -9.07 -1.94
O2' FDA C . -17.05 -8.93 -1.42
C3' FDA C . -18.70 -8.05 -3.03
O3' FDA C . -20.11 -8.08 -3.28
C4' FDA C . -17.97 -8.29 -4.35
O4' FDA C . -16.62 -8.69 -4.12
C5' FDA C . -17.99 -7.01 -5.19
O5' FDA C . -17.05 -7.10 -6.26
P FDA C . -16.81 -5.83 -7.22
O1P FDA C . -15.75 -6.21 -8.23
O2P FDA C . -18.17 -5.36 -7.72
O3P FDA C . -16.24 -4.69 -6.24
H51A FDA C . -14.24 -2.85 -7.70
H52A FDA C . -13.76 -2.41 -6.04
H4B FDA C . -11.89 -3.68 -8.09
H3B FDA C . -11.68 -3.28 -5.26
HO3A FDA C . -9.54 -4.15 -5.78
H2B FDA C . -10.95 -1.11 -5.30
HO2A FDA C . -8.64 -0.98 -5.79
H1B FDA C . -9.87 -1.37 -8.11
H8A FDA C . -12.40 0.70 -5.99
H61A FDA C . -10.87 5.17 -7.46
H62A FDA C . -9.65 5.76 -8.54
H2A FDA C . -7.57 2.01 -10.20
HN1 FDA C . -20.42 -10.88 -1.87
HN3 FDA C . -21.19 -14.54 -0.32
HN5 FDA C . -19.14 -12.20 3.23
H6 FDA C . -17.54 -10.94 4.47
HM71 FDA C . -15.28 -8.04 4.83
HM72 FDA C . -16.49 -8.84 5.78
HM73 FDA C . -15.21 -9.75 5.07
HM81 FDA C . -14.74 -7.26 2.68
HM82 FDA C . -16.02 -6.34 3.40
HM83 FDA C . -15.86 -6.41 1.68
H9 FDA C . -17.39 -7.72 0.60
H1'1 FDA C . -20.39 -8.96 -1.15
H1'2 FDA C . -19.26 -7.81 -0.41
H2' FDA C . -18.53 -10.08 -2.33
HO2' FDA C . -16.42 -9.06 -2.14
H3' FDA C . -18.42 -7.05 -2.66
H4' FDA C . -18.50 -9.08 -4.90
HO4' FDA C . -16.18 -8.85 -4.97
H5'1 FDA C . -18.99 -6.86 -5.59
H5'2 FDA C . -17.75 -6.15 -4.56
O01 ITW D . -22.40 -10.98 5.39
C02 ITW D . -22.25 -11.44 4.22
O03 ITW D . -22.02 -12.67 4.02
C04 ITW D . -22.35 -10.51 3.00
C05 ITW D . -22.52 -11.09 1.78
C06 ITW D . -22.29 -9.00 3.03
C07 ITW D . -23.50 -8.22 3.46
C08 ITW D . -24.59 -8.01 2.55
N09 ITW D . -25.59 -7.22 3.24
C10 ITW D . -25.16 -6.95 4.54
C11 ITW D . -25.83 -6.22 5.56
C12 ITW D . -25.20 -6.08 6.80
C13 ITW D . -23.90 -6.67 7.02
C14 ITW D . -23.26 -7.39 5.97
C15 ITW D . -23.89 -7.54 4.72
H11 ITW D . -26.81 -5.76 5.44
H12 ITW D . -25.65 -5.53 7.62
H13 ITW D . -23.44 -6.54 7.97
H14 ITW D . -22.30 -7.80 6.21
H05 ITW D . -22.57 -12.13 1.62
H05A ITW D . -22.60 -10.56 0.85
H06 ITW D . -21.41 -8.74 3.67
H06A ITW D . -21.90 -8.59 2.06
H08 ITW D . -24.72 -8.31 1.55
HN09 ITW D . -26.42 -6.99 2.74
PA FDA E . 13.34 8.42 4.99
O1A FDA E . 12.69 8.85 3.71
O2A FDA E . 14.27 7.23 4.99
O5B FDA E . 12.19 8.14 6.09
C5B FDA E . 11.04 8.97 6.19
C4B FDA E . 9.86 8.13 6.69
O4B FDA E . 8.74 8.95 6.99
C3B FDA E . 9.39 7.13 5.65
O3B FDA E . 9.37 5.82 6.22
C2B FDA E . 8.00 7.59 5.25
O2B FDA E . 7.13 6.50 4.93
C1B FDA E . 7.55 8.36 6.48
N9A FDA E . 6.56 9.42 6.19
C8A FDA E . 6.73 10.43 5.31
N7A FDA E . 5.63 11.24 5.30
C5A FDA E . 4.75 10.73 6.19
C6A FDA E . 3.41 11.08 6.66
N6A FDA E . 2.78 12.17 6.17
N1A FDA E . 2.82 10.30 7.60
C2A FDA E . 3.45 9.21 8.10
N3A FDA E . 4.68 8.83 7.70
C4A FDA E . 5.37 9.54 6.78
N1 FDA E . 22.43 6.99 1.67
C2 FDA E . 23.66 6.60 1.96
O2 FDA E . 24.21 6.99 2.97
N3 FDA E . 24.32 5.75 1.15
C4 FDA E . 23.79 5.23 0.04
O4 FDA E . 24.38 4.40 -0.65
C4X FDA E . 22.42 5.69 -0.36
N5 FDA E . 21.82 5.24 -1.60
C5X FDA E . 20.50 5.46 -1.84
C6 FDA E . 19.89 4.82 -2.90
C7 FDA E . 18.53 5.01 -3.14
C7M FDA E . 17.92 4.30 -4.32
C8 FDA E . 17.74 5.89 -2.24
C8M FDA E . 16.27 6.12 -2.47
C9 FDA E . 18.36 6.53 -1.17
C9A FDA E . 19.72 6.33 -0.93
N10 FDA E . 20.39 6.96 0.13
C10 FDA E . 21.73 6.55 0.49
C1' FDA E . 19.83 8.05 0.92
C2' FDA E . 19.18 7.45 2.16
O2' FDA E . 18.28 6.42 1.73
C3' FDA E . 18.47 8.55 2.91
O3' FDA E . 19.36 9.68 3.00
C4' FDA E . 18.02 8.19 4.32
O4' FDA E . 17.67 6.81 4.42
C5' FDA E . 16.82 9.04 4.70
O5' FDA E . 16.39 8.70 6.02
P FDA E . 15.25 9.58 6.74
O1P FDA E . 14.71 8.79 7.91
O2P FDA E . 15.80 10.98 6.95
O3P FDA E . 14.11 9.70 5.60
H51A FDA E . 11.23 9.79 6.89
H52A FDA E . 10.80 9.40 5.22
H4B FDA E . 10.18 7.57 7.59
H3B FDA E . 10.06 7.16 4.77
HO3A FDA E . 9.01 5.19 5.56
H2B FDA E . 8.07 8.28 4.40
HO2A FDA E . 7.09 5.88 5.68
H1B FDA E . 7.14 7.65 7.21
H8A FDA E . 7.62 10.59 4.71
H61A FDA E . 3.24 12.74 5.47
H62A FDA E . 1.86 12.42 6.50
H2A FDA E . 2.93 8.61 8.84
HN1 FDA E . 21.95 7.63 2.30
HN3 FDA E . 25.25 5.47 1.42
HN5 FDA E . 22.37 4.67 -2.23
H6 FDA E . 20.46 4.18 -3.55
HM71 FDA E . 18.40 4.61 -5.21
HM72 FDA E . 16.88 4.54 -4.37
HM73 FDA E . 18.03 3.26 -4.21
HM81 FDA E . 15.76 5.19 -2.41
HM82 FDA E . 15.90 6.77 -1.71
HM83 FDA E . 16.12 6.55 -3.42
H9 FDA E . 17.78 7.17 -0.52
H1'1 FDA E . 19.09 8.60 0.34
H1'2 FDA E . 20.62 8.75 1.22
H2' FDA E . 19.96 7.02 2.80
HO2' FDA E . 17.84 6.03 2.50
H3' FDA E . 17.58 8.84 2.33
HO3' FDA E . 18.89 10.42 3.40
H4' FDA E . 18.84 8.41 5.01
HO4' FDA E . 17.41 6.60 5.32
H5'1 FDA E . 16.00 8.87 4.00
H5'2 FDA E . 17.08 10.09 4.67
O01 ITW F . 24.65 6.27 -3.32
C02 ITW F . 24.01 7.30 -3.74
O03 ITW F . 23.91 7.52 -4.98
C04 ITW F . 23.37 8.25 -2.72
C05 ITW F . 23.83 8.19 -1.44
C06 ITW F . 22.28 9.24 -3.01
C07 ITW F . 22.59 10.48 -3.79
C08 ITW F . 23.09 11.66 -3.14
N09 ITW F . 23.28 12.68 -4.15
C10 ITW F . 22.92 12.17 -5.39
C11 ITW F . 22.96 12.84 -6.66
C12 ITW F . 22.54 12.12 -7.80
C13 ITW F . 22.09 10.76 -7.67
C14 ITW F . 22.08 10.14 -6.37
C15 ITW F . 22.50 10.84 -5.23
H11 ITW F . 23.28 13.86 -6.81
H12 ITW F . 22.54 12.56 -8.79
H13 ITW F . 21.78 10.22 -8.55
H14 ITW F . 21.74 9.12 -6.38
H05 ITW F . 23.48 8.79 -0.65
H05A ITW F . 24.60 7.53 -1.09
H06 ITW F . 21.82 9.49 -2.03
H06A ITW F . 21.39 8.72 -3.47
H08 ITW F . 23.30 11.85 -2.13
HN09 ITW F . 23.63 13.57 -3.86
C1 GOL G . 24.80 11.77 -25.91
O1 GOL G . 24.81 10.43 -26.36
C2 GOL G . 23.86 11.90 -24.72
O2 GOL G . 24.59 11.82 -23.52
C3 GOL G . 23.12 13.23 -24.78
O3 GOL G . 22.94 13.75 -23.49
H11 GOL G . 25.81 12.06 -25.62
H12 GOL G . 24.49 12.43 -26.72
HO1 GOL G . 25.36 10.36 -27.17
H2 GOL G . 23.14 11.10 -24.77
HO2 GOL G . 25.23 12.56 -23.46
H31 GOL G . 23.69 13.95 -25.38
H32 GOL G . 22.15 13.09 -25.25
HO3 GOL G . 22.03 14.10 -23.39
#